data_8WT5
#
_entry.id   8WT5
#
_cell.length_a   58.111
_cell.length_b   48.369
_cell.length_c   42.551
_cell.angle_alpha   90.00
_cell.angle_beta   90.00
_cell.angle_gamma   90.00
#
_symmetry.space_group_name_H-M   'P 1'
#
_entity_poly.entity_id   1
_entity_poly.type   'polypeptide(L)'
_entity_poly.pdbx_seq_one_letter_code
;TDEQIYAFCDANKDDIRCKCIYPDKSIVRIGIDTRLPYYCWYEPCKRSDALLPASLKKNITKCNVSD
;
_entity_poly.pdbx_strand_id   A
#
# COMPACT_ATOMS: atom_id res chain seq x y z
N THR A 1 -8.72 -10.81 -8.83
CA THR A 1 -8.64 -9.62 -9.74
C THR A 1 -8.45 -8.40 -8.86
N ASP A 2 -7.69 -7.42 -9.35
CA ASP A 2 -7.34 -6.19 -8.67
C ASP A 2 -8.55 -5.35 -8.34
N GLU A 3 -9.53 -5.32 -9.24
CA GLU A 3 -10.78 -4.60 -9.10
C GLU A 3 -11.58 -5.03 -7.90
N GLN A 4 -11.65 -6.35 -7.67
CA GLN A 4 -12.31 -6.95 -6.53
C GLN A 4 -11.68 -6.57 -5.21
N ILE A 5 -10.34 -6.55 -5.17
CA ILE A 5 -9.54 -6.16 -4.01
C ILE A 5 -9.77 -4.70 -3.66
N TYR A 6 -9.81 -3.83 -4.67
CA TYR A 6 -10.05 -2.42 -4.52
C TYR A 6 -11.42 -2.11 -3.96
N ALA A 7 -12.44 -2.82 -4.46
CA ALA A 7 -13.82 -2.73 -4.02
C ALA A 7 -14.00 -3.15 -2.58
N PHE A 8 -13.30 -4.21 -2.18
CA PHE A 8 -13.30 -4.72 -0.82
C PHE A 8 -12.76 -3.71 0.17
N CYS A 9 -11.66 -3.05 -0.19
CA CYS A 9 -11.01 -2.10 0.69
C CYS A 9 -11.68 -0.75 0.68
N ASP A 10 -12.48 -0.45 -0.37
CA ASP A 10 -13.34 0.70 -0.42
C ASP A 10 -14.42 0.60 0.66
N ALA A 11 -14.92 -0.60 0.89
CA ALA A 11 -15.90 -0.88 1.91
C ALA A 11 -15.28 -0.98 3.29
N ASN A 12 -13.99 -1.29 3.38
CA ASN A 12 -13.32 -1.61 4.62
C ASN A 12 -12.03 -0.83 4.69
N LYS A 13 -12.13 0.50 4.63
CA LYS A 13 -10.99 1.40 4.61
C LYS A 13 -10.09 1.36 5.81
N ASP A 14 -10.67 1.22 7.00
CA ASP A 14 -9.97 1.35 8.26
C ASP A 14 -9.48 0.01 8.78
N ASP A 15 -9.69 -1.05 8.01
CA ASP A 15 -9.04 -2.35 8.21
C ASP A 15 -7.54 -2.17 7.99
N ILE A 16 -6.73 -2.86 8.81
CA ILE A 16 -5.28 -2.82 8.82
C ILE A 16 -4.72 -3.27 7.49
N ARG A 17 -5.34 -4.28 6.88
CA ARG A 17 -4.91 -4.87 5.64
C ARG A 17 -5.19 -3.98 4.44
N CYS A 18 -6.10 -3.00 4.61
CA CYS A 18 -6.51 -2.08 3.58
C CYS A 18 -5.88 -0.71 3.76
N LYS A 19 -4.82 -0.63 4.59
CA LYS A 19 -4.11 0.62 4.79
C LYS A 19 -2.99 0.79 3.79
N CYS A 20 -2.89 -0.12 2.82
CA CYS A 20 -1.97 -0.02 1.70
C CYS A 20 -2.71 0.45 0.48
N ILE A 21 -4.02 0.67 0.61
CA ILE A 21 -4.86 1.22 -0.41
C ILE A 21 -5.23 2.60 0.08
N TYR A 22 -5.39 2.76 1.39
CA TYR A 22 -5.78 4.01 2.01
C TYR A 22 -4.86 4.28 3.18
N PRO A 23 -3.69 4.93 2.98
CA PRO A 23 -2.78 5.26 4.06
C PRO A 23 -3.20 6.57 4.69
N ASP A 24 -2.89 6.74 5.97
CA ASP A 24 -3.09 7.96 6.73
C ASP A 24 -2.25 9.09 6.16
N LYS A 25 -2.74 10.33 6.27
CA LYS A 25 -2.22 11.50 5.60
C LYS A 25 -0.77 11.84 5.91
N SER A 26 -0.36 11.61 7.15
CA SER A 26 1.02 11.79 7.61
C SER A 26 1.99 10.93 6.85
N ILE A 27 1.62 9.67 6.60
CA ILE A 27 2.40 8.68 5.88
C ILE A 27 2.66 9.12 4.46
N VAL A 28 1.64 9.67 3.79
CA VAL A 28 1.70 10.17 2.43
C VAL A 28 2.68 11.32 2.31
N ARG A 29 2.62 12.27 3.24
CA ARG A 29 3.51 13.40 3.32
C ARG A 29 4.95 13.03 3.56
N ILE A 30 5.19 12.06 4.44
CA ILE A 30 6.50 11.50 4.72
C ILE A 30 7.11 10.86 3.49
N GLY A 31 6.29 10.14 2.72
CA GLY A 31 6.73 9.47 1.50
C GLY A 31 7.13 10.45 0.43
N ILE A 32 6.40 11.55 0.30
CA ILE A 32 6.71 12.65 -0.60
C ILE A 32 8.03 13.31 -0.24
N ASP A 33 8.24 13.56 1.05
CA ASP A 33 9.39 14.30 1.55
C ASP A 33 10.66 13.47 1.54
N THR A 34 10.53 12.14 1.56
CA THR A 34 11.64 11.22 1.61
C THR A 34 11.91 10.72 0.20
N ARG A 35 11.06 11.11 -0.75
CA ARG A 35 11.11 10.73 -2.16
C ARG A 35 11.09 9.23 -2.39
N LEU A 36 10.26 8.52 -1.63
CA LEU A 36 10.05 7.10 -1.82
C LEU A 36 8.59 6.86 -1.50
N PRO A 37 7.74 6.30 -2.37
CA PRO A 37 6.34 5.99 -2.10
C PRO A 37 6.08 5.19 -0.84
N TYR A 38 4.91 5.37 -0.23
CA TYR A 38 4.55 4.83 1.06
C TYR A 38 4.58 3.31 1.10
N TYR A 39 4.19 2.66 0.00
CA TYR A 39 4.03 1.22 -0.08
C TYR A 39 5.35 0.47 -0.07
N CYS A 40 6.45 1.17 -0.29
CA CYS A 40 7.78 0.62 -0.31
C CYS A 40 8.33 0.37 1.09
N TRP A 41 7.80 1.09 2.09
CA TRP A 41 8.39 1.06 3.43
C TRP A 41 7.39 0.86 4.55
N TYR A 42 6.12 1.20 4.34
CA TYR A 42 5.09 1.18 5.36
C TYR A 42 4.81 -0.24 5.84
N GLU A 43 4.72 -0.42 7.17
CA GLU A 43 4.65 -1.69 7.84
C GLU A 43 3.48 -2.60 7.49
N PRO A 44 2.22 -2.16 7.34
CA PRO A 44 1.13 -3.03 6.93
C PRO A 44 1.23 -3.53 5.51
N CYS A 45 2.16 -3.02 4.72
CA CYS A 45 2.32 -3.40 3.33
C CYS A 45 3.48 -4.34 3.19
N LYS A 46 4.15 -4.65 4.31
CA LYS A 46 5.13 -5.69 4.40
C LYS A 46 4.58 -6.88 5.17
N ARG A 47 3.32 -6.78 5.61
CA ARG A 47 2.57 -7.90 6.14
C ARG A 47 2.24 -8.91 5.07
N SER A 48 2.12 -10.18 5.47
CA SER A 48 1.88 -11.27 4.55
C SER A 48 0.40 -11.58 4.44
N ASP A 49 -0.44 -10.86 5.18
CA ASP A 49 -1.88 -10.97 5.09
C ASP A 49 -2.46 -9.72 4.46
N ALA A 50 -1.59 -8.81 4.00
CA ALA A 50 -1.96 -7.57 3.35
C ALA A 50 -2.69 -7.79 2.06
N LEU A 51 -3.65 -6.91 1.75
CA LEU A 51 -4.43 -6.97 0.54
C LEU A 51 -3.78 -6.06 -0.46
N LEU A 52 -3.05 -6.65 -1.40
CA LEU A 52 -2.25 -5.94 -2.36
C LEU A 52 -2.67 -6.38 -3.74
N PRO A 53 -3.25 -5.52 -4.59
CA PRO A 53 -3.38 -5.71 -6.03
C PRO A 53 -2.09 -6.09 -6.73
N ALA A 54 -2.21 -6.79 -7.86
CA ALA A 54 -1.11 -7.13 -8.74
C ALA A 54 -0.47 -5.89 -9.32
N SER A 55 -1.29 -4.90 -9.67
CA SER A 55 -0.84 -3.60 -10.14
C SER A 55 -0.01 -2.85 -9.12
N LEU A 56 -0.44 -2.86 -7.85
CA LEU A 56 0.29 -2.28 -6.74
C LEU A 56 1.60 -2.99 -6.47
N LYS A 57 1.60 -4.33 -6.59
CA LYS A 57 2.77 -5.17 -6.42
C LYS A 57 3.86 -4.86 -7.42
N LYS A 58 3.47 -4.62 -8.68
CA LYS A 58 4.34 -4.15 -9.73
C LYS A 58 4.95 -2.80 -9.43
N ASN A 59 4.14 -1.88 -8.88
CA ASN A 59 4.57 -0.55 -8.49
C ASN A 59 5.60 -0.54 -7.37
N ILE A 60 5.45 -1.45 -6.40
CA ILE A 60 6.41 -1.71 -5.32
C ILE A 60 7.75 -2.16 -5.89
N THR A 61 7.72 -2.99 -6.94
CA THR A 61 8.92 -3.50 -7.59
C THR A 61 9.59 -2.40 -8.40
N LYS A 62 8.82 -1.39 -8.81
CA LYS A 62 9.28 -0.31 -9.65
C LYS A 62 9.70 0.91 -8.86
N CYS A 63 9.61 0.86 -7.52
CA CYS A 63 10.23 1.88 -6.68
C CYS A 63 11.56 1.37 -6.20
N ASN A 64 11.93 0.16 -6.62
CA ASN A 64 13.21 -0.49 -6.43
C ASN A 64 13.63 -0.61 -4.99
N VAL A 65 12.71 -1.04 -4.13
CA VAL A 65 12.98 -1.30 -2.74
C VAL A 65 13.53 -2.72 -2.65
N SER A 66 14.49 -2.93 -1.75
CA SER A 66 15.28 -4.14 -1.68
C SER A 66 14.75 -5.10 -0.64
N ASP A 67 13.60 -4.78 -0.05
CA ASP A 67 12.94 -5.56 0.97
C ASP A 67 11.51 -5.79 0.44
N THR A 1 -10.19 -9.83 -8.83
CA THR A 1 -8.94 -10.00 -8.03
C THR A 1 -8.63 -8.71 -7.32
N ASP A 2 -8.05 -7.75 -8.04
CA ASP A 2 -7.70 -6.43 -7.54
C ASP A 2 -8.92 -5.65 -7.13
N GLU A 3 -10.00 -5.81 -7.90
CA GLU A 3 -11.30 -5.20 -7.72
C GLU A 3 -11.89 -5.60 -6.38
N GLN A 4 -11.79 -6.89 -6.05
CA GLN A 4 -12.27 -7.50 -4.84
C GLN A 4 -11.57 -6.98 -3.60
N ILE A 5 -10.24 -6.84 -3.68
CA ILE A 5 -9.40 -6.30 -2.63
C ILE A 5 -9.72 -4.84 -2.36
N TYR A 6 -9.92 -4.06 -3.42
CA TYR A 6 -10.27 -2.65 -3.34
C TYR A 6 -11.59 -2.44 -2.64
N ALA A 7 -12.60 -3.24 -3.01
CA ALA A 7 -13.93 -3.22 -2.43
C ALA A 7 -13.92 -3.56 -0.96
N PHE A 8 -13.10 -4.52 -0.57
CA PHE A 8 -12.91 -4.97 0.80
C PHE A 8 -12.39 -3.86 1.69
N CYS A 9 -11.46 -3.05 1.18
CA CYS A 9 -10.77 -2.04 1.95
C CYS A 9 -11.46 -0.71 1.89
N ASP A 10 -12.50 -0.58 1.05
CA ASP A 10 -13.38 0.57 1.07
C ASP A 10 -14.39 0.43 2.18
N ALA A 11 -14.65 -0.82 2.61
CA ALA A 11 -15.57 -1.13 3.67
C ALA A 11 -14.80 -1.12 4.96
N ASN A 12 -13.76 -1.96 5.04
CA ASN A 12 -12.88 -2.03 6.18
C ASN A 12 -11.70 -1.13 5.89
N LYS A 13 -11.82 0.15 6.23
CA LYS A 13 -10.85 1.16 5.85
C LYS A 13 -9.93 1.51 6.99
N ASP A 14 -10.17 0.94 8.17
CA ASP A 14 -9.39 1.17 9.37
C ASP A 14 -8.55 -0.05 9.72
N ASP A 15 -8.73 -1.14 8.97
CA ASP A 15 -8.00 -2.39 9.09
C ASP A 15 -6.54 -2.15 8.75
N ILE A 16 -5.63 -2.81 9.48
CA ILE A 16 -4.18 -2.77 9.35
C ILE A 16 -3.76 -3.23 7.97
N ARG A 17 -4.44 -4.25 7.44
CA ARG A 17 -4.16 -4.86 6.16
C ARG A 17 -4.54 -3.99 5.00
N CYS A 18 -5.42 -3.01 5.25
CA CYS A 18 -5.98 -2.13 4.25
C CYS A 18 -5.34 -0.77 4.28
N LYS A 19 -4.21 -0.62 4.97
CA LYS A 19 -3.46 0.62 4.96
C LYS A 19 -2.42 0.63 3.86
N CYS A 20 -2.56 -0.29 2.90
CA CYS A 20 -1.78 -0.33 1.68
C CYS A 20 -2.62 0.18 0.54
N ILE A 21 -3.83 0.63 0.86
CA ILE A 21 -4.74 1.27 -0.07
C ILE A 21 -5.14 2.57 0.59
N TYR A 22 -5.18 2.60 1.93
CA TYR A 22 -5.51 3.77 2.70
C TYR A 22 -4.48 4.01 3.79
N PRO A 23 -3.21 4.33 3.49
CA PRO A 23 -2.26 4.86 4.47
C PRO A 23 -2.75 6.15 5.11
N ASP A 24 -2.30 6.42 6.34
CA ASP A 24 -2.50 7.65 7.07
C ASP A 24 -1.85 8.82 6.34
N LYS A 25 -2.38 10.02 6.54
CA LYS A 25 -2.02 11.23 5.82
C LYS A 25 -0.57 11.63 5.91
N SER A 26 0.03 11.47 7.10
CA SER A 26 1.42 11.78 7.37
C SER A 26 2.37 10.95 6.54
N ILE A 27 2.05 9.66 6.35
CA ILE A 27 2.83 8.69 5.62
C ILE A 27 3.01 9.09 4.18
N VAL A 28 1.94 9.58 3.55
CA VAL A 28 1.92 10.06 2.18
C VAL A 28 2.83 11.26 2.02
N ARG A 29 2.76 12.21 2.96
CA ARG A 29 3.61 13.37 2.98
C ARG A 29 5.09 13.08 3.13
N ILE A 30 5.42 12.13 4.03
CA ILE A 30 6.78 11.67 4.27
C ILE A 30 7.38 11.05 3.03
N GLY A 31 6.57 10.28 2.29
CA GLY A 31 6.98 9.64 1.06
C GLY A 31 7.29 10.63 -0.03
N ILE A 32 6.51 11.71 -0.11
CA ILE A 32 6.68 12.78 -1.07
C ILE A 32 7.91 13.62 -0.74
N ASP A 33 8.28 13.68 0.55
CA ASP A 33 9.36 14.49 1.04
C ASP A 33 10.64 13.68 1.18
N THR A 34 10.63 12.43 0.71
CA THR A 34 11.80 11.57 0.69
C THR A 34 11.96 11.08 -0.74
N ARG A 35 10.99 11.41 -1.61
CA ARG A 35 10.90 10.98 -2.99
C ARG A 35 10.89 9.46 -3.17
N LEU A 36 10.10 8.77 -2.35
CA LEU A 36 9.92 7.33 -2.43
C LEU A 36 8.45 7.07 -2.20
N PRO A 37 7.72 6.28 -3.01
CA PRO A 37 6.35 5.85 -2.74
C PRO A 37 6.15 5.26 -1.37
N TYR A 38 5.01 5.52 -0.74
CA TYR A 38 4.72 5.21 0.64
C TYR A 38 4.84 3.74 0.99
N TYR A 39 4.39 2.86 0.09
CA TYR A 39 4.27 1.45 0.36
C TYR A 39 5.51 0.64 0.00
N CYS A 40 6.63 1.32 -0.23
CA CYS A 40 7.90 0.65 -0.44
C CYS A 40 8.69 0.64 0.85
N TRP A 41 8.23 1.40 1.86
CA TRP A 41 8.91 1.48 3.14
C TRP A 41 7.97 1.34 4.31
N TYR A 42 6.66 1.50 4.07
CA TYR A 42 5.66 1.45 5.13
C TYR A 42 5.43 0.01 5.56
N GLU A 43 5.54 -0.24 6.87
CA GLU A 43 5.63 -1.54 7.49
C GLU A 43 4.51 -2.53 7.23
N PRO A 44 3.19 -2.23 7.24
CA PRO A 44 2.15 -3.22 6.99
C PRO A 44 2.15 -3.72 5.57
N CYS A 45 2.73 -2.96 4.64
CA CYS A 45 2.74 -3.30 3.23
C CYS A 45 4.01 -4.03 2.89
N LYS A 46 4.78 -4.37 3.92
CA LYS A 46 5.96 -5.18 3.84
C LYS A 46 5.76 -6.40 4.72
N ARG A 47 4.52 -6.63 5.15
CA ARG A 47 4.07 -7.85 5.79
C ARG A 47 3.33 -8.65 4.74
N SER A 48 3.20 -9.96 4.97
CA SER A 48 2.67 -10.89 4.00
C SER A 48 1.19 -11.12 4.21
N ASP A 49 0.63 -10.57 5.27
CA ASP A 49 -0.74 -10.84 5.68
C ASP A 49 -1.62 -9.68 5.28
N ALA A 50 -1.03 -8.63 4.71
CA ALA A 50 -1.74 -7.48 4.21
C ALA A 50 -2.29 -7.77 2.85
N LEU A 51 -3.35 -7.07 2.48
CA LEU A 51 -4.05 -7.29 1.24
C LEU A 51 -3.52 -6.30 0.24
N LEU A 52 -2.82 -6.81 -0.77
CA LEU A 52 -2.12 -6.00 -1.74
C LEU A 52 -2.61 -6.42 -3.12
N PRO A 53 -3.31 -5.57 -3.89
CA PRO A 53 -3.60 -5.77 -5.31
C PRO A 53 -2.40 -6.08 -6.16
N ALA A 54 -2.59 -6.85 -7.24
CA ALA A 54 -1.57 -7.19 -8.20
C ALA A 54 -1.01 -5.98 -8.90
N SER A 55 -1.87 -5.01 -9.22
CA SER A 55 -1.49 -3.75 -9.82
C SER A 55 -0.55 -2.93 -8.95
N LEU A 56 -0.83 -2.88 -7.65
CA LEU A 56 -0.01 -2.13 -6.71
C LEU A 56 1.23 -2.89 -6.33
N LYS A 57 1.20 -4.22 -6.41
CA LYS A 57 2.36 -5.08 -6.25
C LYS A 57 3.37 -4.86 -7.34
N LYS A 58 2.89 -4.62 -8.57
CA LYS A 58 3.71 -4.32 -9.71
C LYS A 58 4.26 -2.92 -9.69
N ASN A 59 3.68 -2.04 -8.87
CA ASN A 59 4.16 -0.68 -8.70
C ASN A 59 5.08 -0.60 -7.50
N ILE A 60 5.23 -1.71 -6.77
CA ILE A 60 6.22 -1.88 -5.73
C ILE A 60 7.36 -2.68 -6.33
N THR A 61 7.12 -3.33 -7.47
CA THR A 61 8.14 -4.03 -8.24
C THR A 61 8.87 -3.02 -9.10
N LYS A 62 8.16 -1.99 -9.57
CA LYS A 62 8.74 -0.88 -10.30
C LYS A 62 9.43 0.09 -9.39
N CYS A 63 9.03 0.12 -8.12
CA CYS A 63 9.73 0.81 -7.05
C CYS A 63 11.03 0.08 -6.84
N ASN A 64 12.14 0.82 -6.80
CA ASN A 64 13.47 0.24 -6.88
C ASN A 64 14.03 -0.02 -5.50
N VAL A 65 13.26 0.30 -4.46
CA VAL A 65 13.57 -0.02 -3.09
C VAL A 65 13.39 -1.50 -2.92
N SER A 66 14.41 -2.18 -2.38
CA SER A 66 14.41 -3.61 -2.22
C SER A 66 15.12 -3.88 -0.92
N ASP A 67 14.60 -4.81 -0.14
CA ASP A 67 15.20 -5.24 1.10
C ASP A 67 16.20 -6.37 0.77
N THR A 1 -9.91 -9.27 -11.13
CA THR A 1 -9.04 -9.73 -10.02
C THR A 1 -8.78 -8.64 -9.02
N ASP A 2 -8.17 -7.54 -9.47
CA ASP A 2 -7.73 -6.44 -8.63
C ASP A 2 -8.89 -5.55 -8.25
N GLU A 3 -9.96 -5.58 -9.07
CA GLU A 3 -11.19 -4.85 -8.88
C GLU A 3 -11.89 -5.26 -7.61
N GLN A 4 -11.91 -6.57 -7.35
CA GLN A 4 -12.48 -7.17 -6.17
C GLN A 4 -11.79 -6.73 -4.90
N ILE A 5 -10.45 -6.70 -4.93
CA ILE A 5 -9.61 -6.26 -3.83
C ILE A 5 -9.81 -4.80 -3.53
N TYR A 6 -9.85 -3.97 -4.57
CA TYR A 6 -10.01 -2.53 -4.47
C TYR A 6 -11.37 -2.15 -3.90
N ALA A 7 -12.42 -2.82 -4.38
CA ALA A 7 -13.80 -2.64 -3.94
C ALA A 7 -14.00 -3.01 -2.49
N PHE A 8 -13.39 -4.12 -2.07
CA PHE A 8 -13.41 -4.60 -0.70
C PHE A 8 -12.78 -3.60 0.26
N CYS A 9 -11.68 -2.98 -0.16
CA CYS A 9 -10.91 -2.11 0.68
C CYS A 9 -11.37 -0.69 0.57
N ASP A 10 -12.40 -0.44 -0.25
CA ASP A 10 -13.07 0.84 -0.31
C ASP A 10 -14.35 0.75 0.50
N ALA A 11 -14.72 -0.46 0.93
CA ALA A 11 -15.87 -0.69 1.77
C ALA A 11 -15.43 -0.89 3.19
N ASN A 12 -14.14 -1.15 3.40
CA ASN A 12 -13.53 -1.35 4.69
C ASN A 12 -12.18 -0.73 4.59
N LYS A 13 -12.11 0.60 4.63
CA LYS A 13 -10.88 1.35 4.44
C LYS A 13 -10.31 1.80 5.76
N ASP A 14 -10.88 1.32 6.87
CA ASP A 14 -10.45 1.55 8.22
C ASP A 14 -9.72 0.33 8.76
N ASP A 15 -9.69 -0.77 7.99
CA ASP A 15 -8.97 -1.98 8.34
C ASP A 15 -7.52 -1.83 7.97
N ILE A 16 -6.63 -2.44 8.77
CA ILE A 16 -5.18 -2.39 8.67
C ILE A 16 -4.68 -2.96 7.36
N ARG A 17 -5.31 -4.03 6.88
CA ARG A 17 -4.93 -4.73 5.67
C ARG A 17 -5.31 -3.98 4.41
N CYS A 18 -6.17 -2.97 4.56
CA CYS A 18 -6.63 -2.11 3.49
C CYS A 18 -6.02 -0.72 3.63
N LYS A 19 -4.99 -0.58 4.46
CA LYS A 19 -4.26 0.68 4.58
C LYS A 19 -3.09 0.72 3.62
N CYS A 20 -2.95 -0.32 2.79
CA CYS A 20 -1.99 -0.31 1.70
C CYS A 20 -2.70 0.15 0.44
N ILE A 21 -4.00 0.46 0.56
CA ILE A 21 -4.83 0.96 -0.52
C ILE A 21 -5.15 2.40 -0.18
N TYR A 22 -5.42 2.69 1.10
CA TYR A 22 -5.72 4.02 1.58
C TYR A 22 -4.89 4.33 2.81
N PRO A 23 -3.61 4.70 2.70
CA PRO A 23 -2.81 5.30 3.77
C PRO A 23 -3.43 6.51 4.42
N ASP A 24 -3.11 6.73 5.69
CA ASP A 24 -3.33 7.98 6.40
C ASP A 24 -2.43 9.05 5.84
N LYS A 25 -2.86 10.31 5.95
CA LYS A 25 -2.22 11.46 5.32
C LYS A 25 -0.80 11.70 5.75
N SER A 26 -0.50 11.44 7.03
CA SER A 26 0.84 11.55 7.60
C SER A 26 1.85 10.67 6.92
N ILE A 27 1.45 9.44 6.59
CA ILE A 27 2.27 8.46 5.88
C ILE A 27 2.63 8.95 4.49
N VAL A 28 1.65 9.52 3.78
CA VAL A 28 1.82 10.06 2.44
C VAL A 28 2.80 11.21 2.44
N ARG A 29 2.67 12.11 3.42
CA ARG A 29 3.51 13.26 3.61
C ARG A 29 4.96 12.91 3.85
N ILE A 30 5.20 11.93 4.73
CA ILE A 30 6.50 11.40 5.08
C ILE A 30 7.17 10.77 3.89
N GLY A 31 6.38 10.06 3.07
CA GLY A 31 6.86 9.40 1.87
C GLY A 31 7.36 10.38 0.85
N ILE A 32 6.64 11.49 0.65
CA ILE A 32 7.03 12.59 -0.22
C ILE A 32 8.32 13.26 0.27
N ASP A 33 8.42 13.51 1.58
CA ASP A 33 9.56 14.12 2.23
C ASP A 33 10.84 13.32 2.09
N THR A 34 10.72 12.00 2.19
CA THR A 34 11.85 11.09 2.15
C THR A 34 12.07 10.60 0.73
N ARG A 35 11.24 11.07 -0.20
CA ARG A 35 11.27 10.83 -1.63
C ARG A 35 11.23 9.36 -2.00
N LEU A 36 10.36 8.61 -1.32
CA LEU A 36 10.17 7.21 -1.59
C LEU A 36 8.69 6.96 -1.37
N PRO A 37 7.89 6.42 -2.31
CA PRO A 37 6.48 6.12 -2.14
C PRO A 37 6.14 5.30 -0.93
N TYR A 38 4.93 5.45 -0.39
CA TYR A 38 4.52 4.90 0.89
C TYR A 38 4.65 3.40 0.99
N TYR A 39 4.29 2.68 -0.06
CA TYR A 39 4.20 1.23 -0.05
C TYR A 39 5.55 0.53 -0.01
N CYS A 40 6.61 1.29 -0.30
CA CYS A 40 7.97 0.81 -0.33
C CYS A 40 8.57 0.66 1.05
N TRP A 41 8.01 1.37 2.05
CA TRP A 41 8.55 1.38 3.39
C TRP A 41 7.53 1.17 4.47
N TYR A 42 6.25 1.42 4.18
CA TYR A 42 5.16 1.33 5.14
C TYR A 42 4.96 -0.11 5.56
N GLU A 43 4.91 -0.35 6.87
CA GLU A 43 4.95 -1.67 7.46
C GLU A 43 3.84 -2.62 7.05
N PRO A 44 2.54 -2.26 6.97
CA PRO A 44 1.50 -3.19 6.52
C PRO A 44 1.63 -3.61 5.07
N CYS A 45 2.24 -2.80 4.21
CA CYS A 45 2.43 -3.17 2.82
C CYS A 45 3.52 -4.21 2.63
N LYS A 46 4.42 -4.30 3.61
CA LYS A 46 5.53 -5.25 3.57
C LYS A 46 5.22 -6.47 4.39
N ARG A 47 4.06 -6.48 5.05
CA ARG A 47 3.50 -7.69 5.63
C ARG A 47 2.79 -8.43 4.52
N SER A 48 2.72 -9.75 4.65
CA SER A 48 2.21 -10.61 3.60
C SER A 48 0.76 -10.95 3.82
N ASP A 49 0.13 -10.39 4.87
CA ASP A 49 -1.25 -10.66 5.19
C ASP A 49 -2.15 -9.54 4.71
N ALA A 50 -1.56 -8.44 4.24
CA ALA A 50 -2.28 -7.33 3.67
C ALA A 50 -2.70 -7.67 2.26
N LEU A 51 -3.78 -7.05 1.81
CA LEU A 51 -4.36 -7.34 0.52
C LEU A 51 -3.78 -6.36 -0.46
N LEU A 52 -2.96 -6.88 -1.38
CA LEU A 52 -2.28 -6.09 -2.38
C LEU A 52 -2.83 -6.57 -3.71
N PRO A 53 -3.45 -5.71 -4.55
CA PRO A 53 -3.63 -5.93 -5.98
C PRO A 53 -2.39 -6.36 -6.72
N ALA A 54 -2.55 -7.09 -7.82
CA ALA A 54 -1.46 -7.51 -8.69
C ALA A 54 -0.74 -6.32 -9.28
N SER A 55 -1.50 -5.29 -9.67
CA SER A 55 -1.00 -4.02 -10.15
C SER A 55 -0.14 -3.29 -9.13
N LEU A 56 -0.57 -3.30 -7.86
CA LEU A 56 0.14 -2.67 -6.76
C LEU A 56 1.48 -3.31 -6.48
N LYS A 57 1.57 -4.64 -6.59
CA LYS A 57 2.80 -5.40 -6.45
C LYS A 57 3.87 -5.01 -7.44
N LYS A 58 3.48 -4.77 -8.69
CA LYS A 58 4.33 -4.27 -9.74
C LYS A 58 4.88 -2.88 -9.45
N ASN A 59 4.05 -1.98 -8.91
CA ASN A 59 4.42 -0.64 -8.52
C ASN A 59 5.45 -0.62 -7.40
N ILE A 60 5.29 -1.51 -6.42
CA ILE A 60 6.22 -1.74 -5.32
C ILE A 60 7.56 -2.23 -5.83
N THR A 61 7.55 -3.13 -6.80
CA THR A 61 8.74 -3.67 -7.46
C THR A 61 9.51 -2.56 -8.15
N LYS A 62 8.78 -1.63 -8.77
CA LYS A 62 9.34 -0.58 -9.60
C LYS A 62 9.65 0.70 -8.85
N CYS A 63 9.50 0.71 -7.52
CA CYS A 63 10.03 1.79 -6.71
C CYS A 63 11.35 1.38 -6.10
N ASN A 64 11.86 0.21 -6.49
CA ASN A 64 13.13 -0.35 -6.10
C ASN A 64 13.27 -0.53 -4.60
N VAL A 65 12.36 -1.30 -4.00
CA VAL A 65 12.45 -1.74 -2.62
C VAL A 65 13.67 -2.62 -2.44
N SER A 66 14.41 -2.40 -1.35
CA SER A 66 15.45 -3.30 -0.92
C SER A 66 15.10 -3.62 0.50
N ASP A 67 14.70 -4.88 0.74
CA ASP A 67 14.32 -5.33 2.05
C ASP A 67 14.52 -6.85 2.04
N THR A 1 -9.18 -10.75 -8.81
CA THR A 1 -8.50 -9.65 -9.54
C THR A 1 -8.29 -8.45 -8.65
N ASP A 2 -7.56 -7.47 -9.14
CA ASP A 2 -7.22 -6.22 -8.46
C ASP A 2 -8.44 -5.37 -8.20
N GLU A 3 -9.43 -5.45 -9.10
CA GLU A 3 -10.68 -4.73 -9.08
C GLU A 3 -11.47 -5.04 -7.83
N GLN A 4 -11.55 -6.34 -7.49
CA GLN A 4 -12.21 -6.87 -6.32
C GLN A 4 -11.57 -6.42 -5.02
N ILE A 5 -10.23 -6.39 -4.99
CA ILE A 5 -9.44 -5.95 -3.85
C ILE A 5 -9.68 -4.48 -3.56
N TYR A 6 -9.72 -3.65 -4.61
CA TYR A 6 -9.99 -2.23 -4.51
C TYR A 6 -11.38 -1.96 -3.97
N ALA A 7 -12.37 -2.70 -4.47
CA ALA A 7 -13.76 -2.63 -4.05
C ALA A 7 -13.96 -2.97 -2.59
N PHE A 8 -13.24 -4.00 -2.10
CA PHE A 8 -13.22 -4.41 -0.72
C PHE A 8 -12.67 -3.32 0.20
N CYS A 9 -11.60 -2.64 -0.23
CA CYS A 9 -10.94 -1.66 0.57
C CYS A 9 -11.62 -0.31 0.56
N ASP A 10 -12.48 -0.07 -0.43
CA ASP A 10 -13.42 1.03 -0.38
C ASP A 10 -14.47 0.77 0.68
N ALA A 11 -14.99 -0.47 0.73
CA ALA A 11 -16.02 -0.90 1.65
C ALA A 11 -15.59 -0.89 3.10
N ASN A 12 -14.40 -1.43 3.39
CA ASN A 12 -13.81 -1.38 4.70
C ASN A 12 -12.49 -0.70 4.50
N LYS A 13 -12.39 0.56 4.92
CA LYS A 13 -11.23 1.38 4.69
C LYS A 13 -10.41 1.53 5.94
N ASP A 14 -10.97 1.09 7.07
CA ASP A 14 -10.39 1.28 8.38
C ASP A 14 -9.79 -0.01 8.88
N ASP A 15 -9.96 -1.09 8.11
CA ASP A 15 -9.23 -2.34 8.30
C ASP A 15 -7.77 -2.12 7.98
N ILE A 16 -6.90 -2.85 8.68
CA ILE A 16 -5.46 -2.69 8.60
C ILE A 16 -4.90 -3.24 7.29
N ARG A 17 -5.64 -4.14 6.64
CA ARG A 17 -5.28 -4.72 5.38
C ARG A 17 -5.56 -3.81 4.22
N CYS A 18 -6.37 -2.77 4.45
CA CYS A 18 -6.77 -1.79 3.48
C CYS A 18 -6.14 -0.46 3.77
N LYS A 19 -5.07 -0.47 4.57
CA LYS A 19 -4.22 0.68 4.77
C LYS A 19 -3.05 0.63 3.80
N CYS A 20 -3.09 -0.31 2.85
CA CYS A 20 -2.17 -0.37 1.73
C CYS A 20 -2.84 0.15 0.49
N ILE A 21 -4.08 0.61 0.64
CA ILE A 21 -4.83 1.28 -0.40
C ILE A 21 -5.09 2.67 0.11
N TYR A 22 -5.35 2.80 1.41
CA TYR A 22 -5.62 4.07 2.05
C TYR A 22 -4.77 4.25 3.29
N PRO A 23 -3.43 4.38 3.20
CA PRO A 23 -2.59 4.86 4.30
C PRO A 23 -3.01 6.21 4.82
N ASP A 24 -2.77 6.46 6.11
CA ASP A 24 -3.02 7.70 6.80
C ASP A 24 -2.19 8.84 6.24
N LYS A 25 -2.68 10.07 6.39
CA LYS A 25 -2.18 11.28 5.75
C LYS A 25 -0.72 11.57 6.04
N SER A 26 -0.29 11.34 7.28
CA SER A 26 1.09 11.49 7.70
C SER A 26 2.05 10.60 6.95
N ILE A 27 1.66 9.33 6.75
CA ILE A 27 2.43 8.32 6.04
C ILE A 27 2.64 8.71 4.59
N VAL A 28 1.60 9.23 3.94
CA VAL A 28 1.64 9.71 2.57
C VAL A 28 2.60 10.87 2.42
N ARG A 29 2.54 11.83 3.34
CA ARG A 29 3.40 12.99 3.39
C ARG A 29 4.86 12.69 3.63
N ILE A 30 5.15 11.73 4.51
CA ILE A 30 6.49 11.22 4.77
C ILE A 30 7.07 10.61 3.52
N GLY A 31 6.24 9.89 2.75
CA GLY A 31 6.62 9.29 1.50
C GLY A 31 6.98 10.31 0.44
N ILE A 32 6.23 11.41 0.37
CA ILE A 32 6.52 12.54 -0.50
C ILE A 32 7.84 13.20 -0.14
N ASP A 33 8.10 13.38 1.15
CA ASP A 33 9.24 14.10 1.66
C ASP A 33 10.52 13.31 1.59
N THR A 34 10.41 11.97 1.55
CA THR A 34 11.56 11.09 1.48
C THR A 34 11.76 10.63 0.06
N ARG A 35 10.86 11.06 -0.83
CA ARG A 35 10.83 10.77 -2.26
C ARG A 35 10.82 9.28 -2.55
N LEU A 36 10.05 8.53 -1.75
CA LEU A 36 9.88 7.11 -1.92
C LEU A 36 8.43 6.84 -1.59
N PRO A 37 7.59 6.26 -2.46
CA PRO A 37 6.20 5.94 -2.18
C PRO A 37 5.95 5.19 -0.90
N TYR A 38 4.80 5.46 -0.27
CA TYR A 38 4.38 4.95 1.00
C TYR A 38 4.33 3.44 1.10
N TYR A 39 3.86 2.77 0.06
CA TYR A 39 3.69 1.33 0.04
C TYR A 39 4.99 0.55 0.01
N CYS A 40 6.10 1.22 -0.30
CA CYS A 40 7.40 0.61 -0.39
C CYS A 40 8.09 0.47 0.95
N TRP A 41 7.62 1.18 1.99
CA TRP A 41 8.26 1.16 3.29
C TRP A 41 7.29 0.97 4.44
N TYR A 42 6.01 1.32 4.24
CA TYR A 42 4.99 1.32 5.28
C TYR A 42 4.71 -0.10 5.77
N GLU A 43 4.65 -0.27 7.09
CA GLU A 43 4.66 -1.55 7.76
C GLU A 43 3.57 -2.55 7.40
N PRO A 44 2.27 -2.22 7.22
CA PRO A 44 1.26 -3.21 6.85
C PRO A 44 1.48 -3.76 5.47
N CYS A 45 2.21 -3.03 4.62
CA CYS A 45 2.37 -3.34 3.21
C CYS A 45 3.70 -4.03 2.98
N LYS A 46 4.46 -4.23 4.07
CA LYS A 46 5.64 -5.07 4.08
C LYS A 46 5.34 -6.35 4.82
N ARG A 47 4.13 -6.47 5.36
CA ARG A 47 3.61 -7.67 5.98
C ARG A 47 2.71 -8.33 4.97
N SER A 48 2.51 -9.65 5.12
CA SER A 48 1.88 -10.46 4.10
C SER A 48 0.40 -10.67 4.32
N ASP A 49 -0.12 -10.21 5.46
CA ASP A 49 -1.53 -10.26 5.80
C ASP A 49 -2.36 -9.39 4.87
N ALA A 50 -1.85 -8.19 4.56
CA ALA A 50 -2.51 -7.20 3.76
C ALA A 50 -2.75 -7.64 2.33
N LEU A 51 -3.85 -7.17 1.75
CA LEU A 51 -4.22 -7.48 0.39
C LEU A 51 -3.55 -6.47 -0.50
N LEU A 52 -2.69 -6.96 -1.40
CA LEU A 52 -1.91 -6.14 -2.30
C LEU A 52 -2.31 -6.53 -3.70
N PRO A 53 -2.93 -5.64 -4.50
CA PRO A 53 -3.11 -5.81 -5.94
C PRO A 53 -1.86 -6.18 -6.70
N ALA A 54 -2.00 -6.88 -7.83
CA ALA A 54 -0.93 -7.24 -8.72
C ALA A 54 -0.23 -6.03 -9.29
N SER A 55 -1.02 -5.01 -9.67
CA SER A 55 -0.54 -3.74 -10.16
C SER A 55 0.27 -2.99 -9.11
N LEU A 56 -0.20 -2.98 -7.85
CA LEU A 56 0.48 -2.36 -6.73
C LEU A 56 1.80 -3.02 -6.40
N LYS A 57 1.84 -4.35 -6.49
CA LYS A 57 3.04 -5.14 -6.30
C LYS A 57 4.12 -4.83 -7.32
N LYS A 58 3.71 -4.64 -8.58
CA LYS A 58 4.56 -4.15 -9.65
C LYS A 58 5.13 -2.77 -9.42
N ASN A 59 4.33 -1.86 -8.86
CA ASN A 59 4.76 -0.52 -8.46
C ASN A 59 5.83 -0.55 -7.38
N ILE A 60 5.71 -1.47 -6.41
CA ILE A 60 6.69 -1.75 -5.37
C ILE A 60 8.01 -2.22 -5.95
N THR A 61 7.95 -3.05 -7.00
CA THR A 61 9.11 -3.52 -7.74
C THR A 61 9.83 -2.37 -8.42
N LYS A 62 9.06 -1.39 -8.91
CA LYS A 62 9.55 -0.30 -9.71
C LYS A 62 9.95 0.91 -8.89
N CYS A 63 9.80 0.85 -7.56
CA CYS A 63 10.31 1.90 -6.68
C CYS A 63 11.65 1.49 -6.13
N ASN A 64 12.17 0.35 -6.58
CA ASN A 64 13.48 -0.19 -6.30
C ASN A 64 13.74 -0.39 -4.83
N VAL A 65 12.80 -1.02 -4.13
CA VAL A 65 12.97 -1.44 -2.76
C VAL A 65 12.86 -2.94 -2.83
N SER A 66 13.95 -3.62 -2.46
CA SER A 66 14.14 -5.05 -2.61
C SER A 66 13.17 -5.93 -1.85
N ASP A 67 12.89 -5.57 -0.60
CA ASP A 67 12.04 -6.33 0.29
C ASP A 67 10.82 -5.44 0.55
N THR A 1 -9.64 -10.50 -8.97
CA THR A 1 -8.97 -9.37 -9.68
C THR A 1 -8.64 -8.24 -8.71
N ASP A 2 -7.88 -7.26 -9.20
CA ASP A 2 -7.47 -6.07 -8.47
C ASP A 2 -8.64 -5.19 -8.11
N GLU A 3 -9.66 -5.17 -8.98
CA GLU A 3 -10.86 -4.37 -8.87
C GLU A 3 -11.64 -4.69 -7.62
N GLN A 4 -11.78 -5.98 -7.33
CA GLN A 4 -12.42 -6.51 -6.15
C GLN A 4 -11.69 -6.16 -4.87
N ILE A 5 -10.36 -6.24 -4.89
CA ILE A 5 -9.50 -5.92 -3.77
C ILE A 5 -9.60 -4.46 -3.40
N TYR A 6 -9.59 -3.58 -4.40
CA TYR A 6 -9.75 -2.14 -4.26
C TYR A 6 -11.10 -1.77 -3.68
N ALA A 7 -12.16 -2.42 -4.17
CA ALA A 7 -13.51 -2.24 -3.72
C ALA A 7 -13.72 -2.64 -2.28
N PHE A 8 -13.10 -3.75 -1.88
CA PHE A 8 -13.12 -4.29 -0.54
C PHE A 8 -12.50 -3.33 0.46
N CYS A 9 -11.36 -2.74 0.10
CA CYS A 9 -10.69 -1.71 0.86
C CYS A 9 -11.52 -0.46 1.00
N ASP A 10 -12.23 -0.05 -0.06
CA ASP A 10 -13.08 1.12 -0.01
C ASP A 10 -14.29 0.89 0.87
N ALA A 11 -14.62 -0.37 1.14
CA ALA A 11 -15.70 -0.78 2.00
C ALA A 11 -15.20 -1.24 3.36
N ASN A 12 -13.92 -1.03 3.66
CA ASN A 12 -13.32 -1.40 4.95
C ASN A 12 -12.74 -0.16 5.60
N LYS A 13 -12.03 0.66 4.82
CA LYS A 13 -11.18 1.78 5.17
C LYS A 13 -10.23 1.73 6.35
N ASP A 14 -10.77 1.60 7.57
CA ASP A 14 -10.04 1.71 8.82
C ASP A 14 -9.24 0.48 9.15
N ASP A 15 -9.48 -0.63 8.44
CA ASP A 15 -8.71 -1.86 8.51
C ASP A 15 -7.27 -1.60 8.11
N ILE A 16 -6.33 -2.19 8.86
CA ILE A 16 -4.91 -1.94 8.73
C ILE A 16 -4.31 -2.58 7.50
N ARG A 17 -4.93 -3.66 7.01
CA ARG A 17 -4.61 -4.27 5.73
C ARG A 17 -4.88 -3.33 4.59
N CYS A 18 -5.98 -2.59 4.69
CA CYS A 18 -6.48 -1.66 3.71
C CYS A 18 -5.73 -0.34 3.76
N LYS A 19 -4.97 -0.08 4.84
CA LYS A 19 -4.18 1.14 4.92
C LYS A 19 -3.01 1.17 3.95
N CYS A 20 -2.59 -0.01 3.48
CA CYS A 20 -1.65 -0.13 2.40
C CYS A 20 -2.18 0.41 1.08
N ILE A 21 -3.44 0.09 0.76
CA ILE A 21 -4.04 0.37 -0.53
C ILE A 21 -4.63 1.77 -0.52
N TYR A 22 -5.25 2.16 0.59
CA TYR A 22 -5.88 3.45 0.78
C TYR A 22 -5.11 4.08 1.92
N PRO A 23 -4.18 5.02 1.69
CA PRO A 23 -3.27 5.48 2.72
C PRO A 23 -3.89 6.63 3.48
N ASP A 24 -3.51 6.77 4.75
CA ASP A 24 -3.76 7.96 5.55
C ASP A 24 -2.94 9.11 5.01
N LYS A 25 -3.42 10.34 5.22
CA LYS A 25 -2.82 11.56 4.70
C LYS A 25 -1.39 11.77 5.15
N SER A 26 -1.10 11.47 6.43
CA SER A 26 0.21 11.53 7.01
C SER A 26 1.19 10.58 6.33
N ILE A 27 0.73 9.37 6.02
CA ILE A 27 1.49 8.33 5.35
C ILE A 27 1.94 8.77 3.96
N VAL A 28 1.05 9.41 3.20
CA VAL A 28 1.34 9.97 1.89
C VAL A 28 2.37 11.07 1.98
N ARG A 29 2.20 11.98 2.95
CA ARG A 29 3.08 13.12 3.17
C ARG A 29 4.49 12.71 3.49
N ILE A 30 4.65 11.71 4.37
CA ILE A 30 5.92 11.14 4.78
C ILE A 30 6.61 10.49 3.60
N GLY A 31 5.83 9.84 2.72
CA GLY A 31 6.34 9.24 1.50
C GLY A 31 6.90 10.26 0.53
N ILE A 32 6.23 11.40 0.39
CA ILE A 32 6.71 12.53 -0.39
C ILE A 32 7.99 13.11 0.19
N ASP A 33 8.01 13.31 1.51
CA ASP A 33 9.11 13.87 2.26
C ASP A 33 10.39 13.05 2.17
N THR A 34 10.24 11.72 2.24
CA THR A 34 11.38 10.81 2.29
C THR A 34 11.73 10.33 0.89
N ARG A 35 10.91 10.70 -0.10
CA ARG A 35 11.09 10.44 -1.51
C ARG A 35 10.91 9.00 -1.93
N LEU A 36 10.43 8.16 -1.01
CA LEU A 36 10.17 6.76 -1.27
C LEU A 36 8.68 6.60 -1.10
N PRO A 37 7.91 6.09 -2.08
CA PRO A 37 6.52 5.74 -1.94
C PRO A 37 6.24 4.89 -0.72
N TYR A 38 5.12 5.18 -0.06
CA TYR A 38 4.75 4.65 1.24
C TYR A 38 4.65 3.14 1.30
N TYR A 39 4.15 2.53 0.23
CA TYR A 39 3.95 1.10 0.16
C TYR A 39 5.22 0.28 0.08
N CYS A 40 6.36 0.94 -0.13
CA CYS A 40 7.65 0.28 -0.23
C CYS A 40 8.31 0.08 1.13
N TRP A 41 7.82 0.78 2.16
CA TRP A 41 8.42 0.71 3.49
C TRP A 41 7.45 0.51 4.63
N TYR A 42 6.17 0.83 4.42
CA TYR A 42 5.12 0.75 5.43
C TYR A 42 4.86 -0.70 5.76
N GLU A 43 4.92 -1.06 7.05
CA GLU A 43 4.96 -2.44 7.49
C GLU A 43 3.80 -3.31 7.04
N PRO A 44 2.51 -2.91 7.00
CA PRO A 44 1.46 -3.80 6.53
C PRO A 44 1.58 -4.16 5.07
N CYS A 45 2.10 -3.26 4.23
CA CYS A 45 2.42 -3.55 2.84
C CYS A 45 3.50 -4.59 2.69
N LYS A 46 4.46 -4.59 3.62
CA LYS A 46 5.66 -5.41 3.57
C LYS A 46 5.48 -6.66 4.41
N ARG A 47 4.23 -6.99 4.74
CA ARG A 47 3.85 -8.25 5.35
C ARG A 47 2.83 -8.85 4.42
N SER A 48 2.65 -10.16 4.50
CA SER A 48 1.94 -10.93 3.50
C SER A 48 0.48 -11.12 3.81
N ASP A 49 0.01 -10.56 4.92
CA ASP A 49 -1.34 -10.77 5.39
C ASP A 49 -2.21 -9.60 4.99
N ALA A 50 -1.62 -8.59 4.35
CA ALA A 50 -2.34 -7.50 3.73
C ALA A 50 -2.60 -7.89 2.30
N LEU A 51 -3.72 -7.43 1.76
CA LEU A 51 -4.08 -7.67 0.38
C LEU A 51 -3.35 -6.67 -0.46
N LEU A 52 -2.67 -7.17 -1.50
CA LEU A 52 -1.92 -6.34 -2.41
C LEU A 52 -2.48 -6.65 -3.77
N PRO A 53 -3.12 -5.70 -4.48
CA PRO A 53 -3.38 -5.77 -5.91
C PRO A 53 -2.16 -6.09 -6.74
N ALA A 54 -2.33 -6.74 -7.89
CA ALA A 54 -1.27 -7.06 -8.82
C ALA A 54 -0.60 -5.81 -9.34
N SER A 55 -1.40 -4.77 -9.60
CA SER A 55 -0.95 -3.45 -9.99
C SER A 55 -0.06 -2.80 -8.95
N LEU A 56 -0.45 -2.91 -7.67
CA LEU A 56 0.31 -2.42 -6.55
C LEU A 56 1.64 -3.13 -6.37
N LYS A 57 1.66 -4.45 -6.55
CA LYS A 57 2.87 -5.26 -6.50
C LYS A 57 3.89 -4.88 -7.55
N LYS A 58 3.43 -4.58 -8.77
CA LYS A 58 4.24 -4.09 -9.85
C LYS A 58 4.86 -2.75 -9.55
N ASN A 59 4.10 -1.84 -8.94
CA ASN A 59 4.57 -0.55 -8.46
C ASN A 59 5.61 -0.66 -7.38
N ILE A 60 5.44 -1.61 -6.45
CA ILE A 60 6.37 -1.95 -5.40
C ILE A 60 7.70 -2.44 -5.97
N THR A 61 7.66 -3.23 -7.04
CA THR A 61 8.85 -3.70 -7.75
C THR A 61 9.59 -2.57 -8.43
N LYS A 62 8.86 -1.68 -9.11
CA LYS A 62 9.38 -0.52 -9.80
C LYS A 62 10.07 0.47 -8.88
N CYS A 63 9.46 0.70 -7.72
CA CYS A 63 10.03 1.39 -6.58
C CYS A 63 11.16 0.54 -6.04
N ASN A 64 12.40 0.96 -6.23
CA ASN A 64 13.53 0.12 -5.91
C ASN A 64 13.87 0.29 -4.44
N VAL A 65 13.26 -0.55 -3.60
CA VAL A 65 13.51 -0.66 -2.18
C VAL A 65 13.72 -2.13 -2.01
N SER A 66 14.84 -2.51 -1.39
CA SER A 66 15.34 -3.88 -1.39
C SER A 66 15.01 -4.64 -0.12
N ASP A 67 14.09 -4.10 0.68
CA ASP A 67 13.54 -4.77 1.83
C ASP A 67 12.51 -5.81 1.31
N THR A 1 -9.45 -10.94 -8.66
CA THR A 1 -8.90 -9.80 -9.45
C THR A 1 -8.64 -8.60 -8.59
N ASP A 2 -7.87 -7.64 -9.11
CA ASP A 2 -7.49 -6.39 -8.46
C ASP A 2 -8.68 -5.51 -8.14
N GLU A 3 -9.68 -5.50 -9.04
CA GLU A 3 -10.88 -4.72 -8.94
C GLU A 3 -11.69 -5.06 -7.70
N GLN A 4 -11.80 -6.36 -7.40
CA GLN A 4 -12.44 -6.88 -6.22
C GLN A 4 -11.77 -6.47 -4.93
N ILE A 5 -10.43 -6.47 -4.91
CA ILE A 5 -9.62 -6.03 -3.78
C ILE A 5 -9.85 -4.57 -3.49
N TYR A 6 -9.87 -3.74 -4.54
CA TYR A 6 -10.12 -2.31 -4.46
C TYR A 6 -11.51 -2.01 -3.91
N ALA A 7 -12.51 -2.75 -4.40
CA ALA A 7 -13.90 -2.67 -3.98
C ALA A 7 -14.08 -3.05 -2.53
N PHE A 8 -13.38 -4.09 -2.07
CA PHE A 8 -13.40 -4.54 -0.71
C PHE A 8 -12.85 -3.48 0.24
N CYS A 9 -11.75 -2.84 -0.13
CA CYS A 9 -11.07 -1.89 0.73
C CYS A 9 -11.73 -0.54 0.72
N ASP A 10 -12.58 -0.26 -0.27
CA ASP A 10 -13.45 0.88 -0.29
C ASP A 10 -14.46 0.80 0.86
N ALA A 11 -14.97 -0.41 1.12
CA ALA A 11 -16.01 -0.66 2.09
C ALA A 11 -15.44 -1.08 3.43
N ASN A 12 -14.13 -1.32 3.49
CA ASN A 12 -13.43 -1.72 4.69
C ASN A 12 -12.18 -0.89 4.75
N LYS A 13 -12.35 0.43 4.82
CA LYS A 13 -11.27 1.39 4.68
C LYS A 13 -10.39 1.51 5.91
N ASP A 14 -10.90 1.09 7.06
CA ASP A 14 -10.22 1.19 8.33
C ASP A 14 -9.56 -0.12 8.73
N ASP A 15 -9.72 -1.16 7.91
CA ASP A 15 -9.02 -2.43 8.01
C ASP A 15 -7.54 -2.19 7.79
N ILE A 16 -6.70 -2.86 8.59
CA ILE A 16 -5.25 -2.78 8.57
C ILE A 16 -4.66 -3.23 7.25
N ARG A 17 -5.30 -4.21 6.61
CA ARG A 17 -4.90 -4.78 5.35
C ARG A 17 -5.19 -3.85 4.19
N CYS A 18 -6.11 -2.91 4.40
CA CYS A 18 -6.57 -1.96 3.41
C CYS A 18 -5.91 -0.62 3.61
N LYS A 19 -4.86 -0.55 4.42
CA LYS A 19 -4.08 0.66 4.61
C LYS A 19 -2.93 0.71 3.64
N CYS A 20 -2.83 -0.28 2.74
CA CYS A 20 -1.89 -0.26 1.66
C CYS A 20 -2.55 0.29 0.41
N ILE A 21 -3.86 0.53 0.48
CA ILE A 21 -4.63 1.15 -0.58
C ILE A 21 -5.05 2.51 -0.08
N TYR A 22 -5.27 2.64 1.23
CA TYR A 22 -5.70 3.88 1.87
C TYR A 22 -4.81 4.18 3.06
N PRO A 23 -3.51 4.49 2.90
CA PRO A 23 -2.67 5.01 3.98
C PRO A 23 -3.21 6.29 4.59
N ASP A 24 -2.85 6.56 5.85
CA ASP A 24 -3.19 7.78 6.54
C ASP A 24 -2.34 8.93 6.01
N LYS A 25 -2.80 10.16 6.23
CA LYS A 25 -2.28 11.36 5.60
C LYS A 25 -0.81 11.64 5.88
N SER A 26 -0.37 11.41 7.12
CA SER A 26 1.00 11.58 7.56
C SER A 26 1.98 10.71 6.81
N ILE A 27 1.60 9.45 6.57
CA ILE A 27 2.37 8.44 5.88
C ILE A 27 2.69 8.87 4.45
N VAL A 28 1.68 9.42 3.77
CA VAL A 28 1.80 9.93 2.42
C VAL A 28 2.77 11.10 2.34
N ARG A 29 2.67 12.03 3.30
CA ARG A 29 3.57 13.18 3.39
C ARG A 29 5.01 12.82 3.62
N ILE A 30 5.27 11.85 4.49
CA ILE A 30 6.59 11.32 4.79
C ILE A 30 7.21 10.73 3.55
N GLY A 31 6.42 10.03 2.74
CA GLY A 31 6.86 9.43 1.49
C GLY A 31 7.25 10.45 0.46
N ILE A 32 6.50 11.56 0.36
CA ILE A 32 6.81 12.68 -0.50
C ILE A 32 8.11 13.36 -0.09
N ASP A 33 8.28 13.59 1.22
CA ASP A 33 9.43 14.23 1.82
C ASP A 33 10.71 13.44 1.63
N THR A 34 10.63 12.11 1.76
CA THR A 34 11.78 11.23 1.72
C THR A 34 11.99 10.69 0.32
N ARG A 35 11.11 11.07 -0.61
CA ARG A 35 11.19 10.81 -2.03
C ARG A 35 10.99 9.35 -2.41
N LEU A 36 10.49 8.54 -1.49
CA LEU A 36 10.26 7.14 -1.68
C LEU A 36 8.79 6.88 -1.41
N PRO A 37 7.98 6.37 -2.35
CA PRO A 37 6.56 6.04 -2.16
C PRO A 37 6.26 5.23 -0.92
N TYR A 38 5.07 5.41 -0.34
CA TYR A 38 4.70 4.89 0.97
C TYR A 38 4.78 3.39 1.05
N TYR A 39 4.38 2.69 -0.02
CA TYR A 39 4.23 1.25 -0.03
C TYR A 39 5.54 0.50 0.00
N CYS A 40 6.65 1.20 -0.24
CA CYS A 40 7.97 0.63 -0.24
C CYS A 40 8.52 0.50 1.17
N TRP A 41 7.98 1.23 2.14
CA TRP A 41 8.52 1.25 3.49
C TRP A 41 7.49 1.08 4.59
N TYR A 42 6.20 1.17 4.25
CA TYR A 42 5.12 1.13 5.21
C TYR A 42 4.84 -0.32 5.58
N GLU A 43 4.77 -0.61 6.88
CA GLU A 43 4.70 -1.94 7.43
C GLU A 43 3.51 -2.79 6.99
N PRO A 44 2.25 -2.30 6.87
CA PRO A 44 1.16 -3.12 6.37
C PRO A 44 1.33 -3.51 4.93
N CYS A 45 1.93 -2.69 4.07
CA CYS A 45 2.27 -3.09 2.71
C CYS A 45 3.28 -4.22 2.66
N LYS A 46 4.30 -4.17 3.52
CA LYS A 46 5.29 -5.20 3.70
C LYS A 46 4.74 -6.52 4.17
N ARG A 47 3.79 -6.48 5.12
CA ARG A 47 3.17 -7.61 5.75
C ARG A 47 2.46 -8.54 4.79
N SER A 48 2.62 -9.85 4.99
CA SER A 48 2.14 -10.93 4.17
C SER A 48 0.63 -10.98 4.04
N ASP A 49 -0.07 -10.69 5.14
CA ASP A 49 -1.50 -10.88 5.29
C ASP A 49 -2.32 -9.83 4.56
N ALA A 50 -1.68 -8.70 4.23
CA ALA A 50 -2.30 -7.57 3.57
C ALA A 50 -2.81 -7.86 2.19
N LEU A 51 -3.88 -7.18 1.79
CA LEU A 51 -4.51 -7.34 0.51
C LEU A 51 -3.86 -6.37 -0.44
N LEU A 52 -3.19 -6.90 -1.47
CA LEU A 52 -2.37 -6.12 -2.36
C LEU A 52 -2.77 -6.48 -3.77
N PRO A 53 -3.35 -5.56 -4.57
CA PRO A 53 -3.49 -5.67 -6.02
C PRO A 53 -2.21 -6.02 -6.74
N ALA A 54 -2.29 -6.77 -7.83
CA ALA A 54 -1.19 -7.12 -8.70
C ALA A 54 -0.54 -5.90 -9.30
N SER A 55 -1.36 -4.92 -9.67
CA SER A 55 -0.93 -3.62 -10.19
C SER A 55 -0.08 -2.85 -9.20
N LEU A 56 -0.46 -2.85 -7.93
CA LEU A 56 0.29 -2.17 -6.89
C LEU A 56 1.52 -2.94 -6.46
N LYS A 57 1.49 -4.26 -6.61
CA LYS A 57 2.64 -5.12 -6.38
C LYS A 57 3.75 -4.86 -7.36
N LYS A 58 3.39 -4.64 -8.63
CA LYS A 58 4.30 -4.22 -9.69
C LYS A 58 4.94 -2.89 -9.42
N ASN A 59 4.16 -1.93 -8.89
CA ASN A 59 4.65 -0.62 -8.51
C ASN A 59 5.68 -0.68 -7.39
N ILE A 60 5.48 -1.57 -6.42
CA ILE A 60 6.41 -1.85 -5.33
C ILE A 60 7.74 -2.38 -5.85
N THR A 61 7.71 -3.27 -6.84
CA THR A 61 8.92 -3.85 -7.40
C THR A 61 9.64 -2.89 -8.31
N LYS A 62 8.95 -1.84 -8.77
CA LYS A 62 9.49 -0.82 -9.63
C LYS A 62 9.89 0.43 -8.88
N CYS A 63 9.71 0.45 -7.55
CA CYS A 63 10.20 1.56 -6.74
C CYS A 63 11.55 1.24 -6.14
N ASN A 64 12.06 0.04 -6.45
CA ASN A 64 13.33 -0.50 -6.01
C ASN A 64 13.44 -0.53 -4.50
N VAL A 65 12.47 -1.17 -3.84
CA VAL A 65 12.46 -1.44 -2.42
C VAL A 65 13.65 -2.32 -2.05
N SER A 66 14.26 -2.03 -0.89
CA SER A 66 15.53 -2.58 -0.49
C SER A 66 15.38 -3.60 0.62
N ASP A 67 14.18 -4.17 0.74
CA ASP A 67 13.86 -5.14 1.75
C ASP A 67 14.25 -6.54 1.24
N THR A 1 -9.26 -10.85 -8.67
CA THR A 1 -8.74 -9.73 -9.49
C THR A 1 -8.49 -8.51 -8.63
N ASP A 2 -7.81 -7.51 -9.20
CA ASP A 2 -7.48 -6.25 -8.57
C ASP A 2 -8.72 -5.45 -8.21
N GLU A 3 -9.74 -5.51 -9.06
CA GLU A 3 -11.01 -4.82 -8.96
C GLU A 3 -11.77 -5.16 -7.70
N GLN A 4 -11.80 -6.46 -7.36
CA GLN A 4 -12.41 -7.00 -6.18
C GLN A 4 -11.75 -6.53 -4.90
N ILE A 5 -10.41 -6.48 -4.90
CA ILE A 5 -9.59 -6.00 -3.80
C ILE A 5 -9.83 -4.53 -3.54
N TYR A 6 -9.91 -3.74 -4.61
CA TYR A 6 -10.19 -2.31 -4.55
C TYR A 6 -11.55 -2.02 -3.94
N ALA A 7 -12.57 -2.76 -4.37
CA ALA A 7 -13.93 -2.68 -3.86
C ALA A 7 -14.02 -3.05 -2.39
N PHE A 8 -13.30 -4.09 -1.99
CA PHE A 8 -13.21 -4.57 -0.62
C PHE A 8 -12.61 -3.52 0.30
N CYS A 9 -11.53 -2.87 -0.14
CA CYS A 9 -10.85 -1.82 0.56
C CYS A 9 -11.73 -0.60 0.75
N ASP A 10 -12.46 -0.21 -0.29
CA ASP A 10 -13.37 0.92 -0.24
C ASP A 10 -14.45 0.73 0.80
N ALA A 11 -15.01 -0.49 0.88
CA ALA A 11 -15.95 -0.91 1.88
C ALA A 11 -15.40 -0.90 3.30
N ASN A 12 -14.18 -1.40 3.46
CA ASN A 12 -13.59 -1.69 4.75
C ASN A 12 -12.31 -0.90 4.86
N LYS A 13 -12.45 0.42 5.06
CA LYS A 13 -11.36 1.35 4.89
C LYS A 13 -10.62 1.64 6.17
N ASP A 14 -11.03 1.02 7.27
CA ASP A 14 -10.38 1.18 8.55
C ASP A 14 -9.54 -0.05 8.87
N ASP A 15 -9.65 -1.10 8.04
CA ASP A 15 -8.84 -2.29 8.16
C ASP A 15 -7.40 -2.01 7.84
N ILE A 16 -6.49 -2.66 8.57
CA ILE A 16 -5.05 -2.56 8.42
C ILE A 16 -4.57 -3.04 7.05
N ARG A 17 -5.24 -4.05 6.50
CA ARG A 17 -5.05 -4.54 5.15
C ARG A 17 -5.31 -3.50 4.08
N CYS A 18 -6.38 -2.72 4.25
CA CYS A 18 -6.78 -1.69 3.32
C CYS A 18 -5.92 -0.46 3.43
N LYS A 19 -5.22 -0.28 4.55
CA LYS A 19 -4.38 0.89 4.76
C LYS A 19 -3.14 0.92 3.89
N CYS A 20 -2.77 -0.22 3.30
CA CYS A 20 -1.75 -0.23 2.27
C CYS A 20 -2.17 0.55 1.02
N ILE A 21 -3.43 0.41 0.63
CA ILE A 21 -4.01 1.04 -0.54
C ILE A 21 -4.48 2.45 -0.19
N TYR A 22 -4.80 2.68 1.08
CA TYR A 22 -5.43 3.88 1.58
C TYR A 22 -4.61 4.37 2.76
N PRO A 23 -3.40 4.94 2.54
CA PRO A 23 -2.54 5.46 3.60
C PRO A 23 -3.18 6.57 4.42
N ASP A 24 -2.65 6.81 5.62
CA ASP A 24 -2.97 7.97 6.42
C ASP A 24 -2.17 9.15 5.92
N LYS A 25 -2.66 10.36 6.21
CA LYS A 25 -2.18 11.61 5.64
C LYS A 25 -0.72 11.92 5.93
N SER A 26 -0.27 11.62 7.15
CA SER A 26 1.11 11.76 7.58
C SER A 26 2.06 10.90 6.77
N ILE A 27 1.65 9.66 6.48
CA ILE A 27 2.42 8.68 5.73
C ILE A 27 2.71 9.17 4.33
N VAL A 28 1.69 9.77 3.68
CA VAL A 28 1.80 10.36 2.35
C VAL A 28 2.81 11.48 2.32
N ARG A 29 2.76 12.37 3.31
CA ARG A 29 3.69 13.48 3.45
C ARG A 29 5.12 13.06 3.67
N ILE A 30 5.32 12.06 4.53
CA ILE A 30 6.62 11.47 4.81
C ILE A 30 7.20 10.85 3.55
N GLY A 31 6.38 10.15 2.77
CA GLY A 31 6.78 9.50 1.54
C GLY A 31 7.19 10.48 0.48
N ILE A 32 6.47 11.60 0.35
CA ILE A 32 6.79 12.68 -0.55
C ILE A 32 8.13 13.32 -0.22
N ASP A 33 8.39 13.55 1.06
CA ASP A 33 9.57 14.26 1.53
C ASP A 33 10.82 13.41 1.52
N THR A 34 10.65 12.09 1.66
CA THR A 34 11.77 11.14 1.71
C THR A 34 11.94 10.53 0.34
N ARG A 35 11.10 10.92 -0.61
CA ARG A 35 11.16 10.62 -2.03
C ARG A 35 10.81 9.19 -2.41
N LEU A 36 10.33 8.40 -1.45
CA LEU A 36 10.04 7.00 -1.67
C LEU A 36 8.54 6.79 -1.47
N PRO A 37 7.83 6.02 -2.30
CA PRO A 37 6.39 5.76 -2.18
C PRO A 37 5.92 5.34 -0.80
N TYR A 38 4.68 5.68 -0.45
CA TYR A 38 4.12 5.42 0.87
C TYR A 38 3.86 3.95 1.12
N TYR A 39 3.69 3.17 0.04
CA TYR A 39 3.42 1.76 0.12
C TYR A 39 4.70 0.95 0.07
N CYS A 40 5.84 1.64 0.09
CA CYS A 40 7.16 1.03 0.15
C CYS A 40 7.82 1.41 1.46
N TRP A 41 7.06 2.00 2.40
CA TRP A 41 7.53 2.31 3.73
C TRP A 41 6.67 1.65 4.76
N TYR A 42 5.35 1.69 4.54
CA TYR A 42 4.33 1.28 5.50
C TYR A 42 4.47 -0.19 5.81
N GLU A 43 4.51 -0.53 7.10
CA GLU A 43 4.81 -1.86 7.59
C GLU A 43 3.85 -2.95 7.12
N PRO A 44 2.52 -2.78 7.07
CA PRO A 44 1.62 -3.79 6.52
C PRO A 44 1.79 -4.05 5.05
N CYS A 45 2.29 -3.10 4.25
CA CYS A 45 2.54 -3.34 2.84
C CYS A 45 3.72 -4.25 2.62
N LYS A 46 4.62 -4.30 3.60
CA LYS A 46 5.83 -5.08 3.53
C LYS A 46 5.63 -6.41 4.23
N ARG A 47 4.45 -6.61 4.83
CA ARG A 47 4.02 -7.88 5.34
C ARG A 47 3.33 -8.66 4.25
N SER A 48 3.28 -9.98 4.41
CA SER A 48 2.85 -10.89 3.37
C SER A 48 1.38 -11.22 3.47
N ASP A 49 0.71 -10.70 4.50
CA ASP A 49 -0.65 -11.06 4.83
C ASP A 49 -1.60 -9.98 4.37
N ALA A 50 -1.06 -8.92 3.74
CA ALA A 50 -1.84 -7.84 3.20
C ALA A 50 -2.40 -8.22 1.86
N LEU A 51 -3.58 -7.66 1.54
CA LEU A 51 -4.22 -7.89 0.27
C LEU A 51 -3.82 -6.75 -0.62
N LEU A 52 -2.96 -7.04 -1.59
CA LEU A 52 -2.38 -6.05 -2.46
C LEU A 52 -2.82 -6.42 -3.85
N PRO A 53 -3.41 -5.51 -4.65
CA PRO A 53 -3.56 -5.67 -6.10
C PRO A 53 -2.29 -6.04 -6.81
N ALA A 54 -2.38 -6.76 -7.93
CA ALA A 54 -1.27 -7.11 -8.78
C ALA A 54 -0.60 -5.86 -9.33
N SER A 55 -1.41 -4.86 -9.69
CA SER A 55 -0.95 -3.55 -10.12
C SER A 55 -0.14 -2.83 -9.06
N LEU A 56 -0.59 -2.87 -7.80
CA LEU A 56 0.12 -2.31 -6.67
C LEU A 56 1.45 -2.98 -6.41
N LYS A 57 1.48 -4.32 -6.51
CA LYS A 57 2.69 -5.11 -6.37
C LYS A 57 3.76 -4.81 -7.38
N LYS A 58 3.36 -4.57 -8.63
CA LYS A 58 4.26 -4.16 -9.70
C LYS A 58 4.92 -2.84 -9.42
N ASN A 59 4.17 -1.87 -8.88
CA ASN A 59 4.69 -0.57 -8.48
C ASN A 59 5.65 -0.66 -7.31
N ILE A 60 5.39 -1.56 -6.36
CA ILE A 60 6.28 -1.91 -5.27
C ILE A 60 7.58 -2.52 -5.79
N THR A 61 7.49 -3.40 -6.79
CA THR A 61 8.63 -4.02 -7.44
C THR A 61 9.49 -3.01 -8.17
N LYS A 62 8.87 -2.05 -8.85
CA LYS A 62 9.53 -0.93 -9.52
C LYS A 62 10.27 -0.02 -8.56
N CYS A 63 9.68 0.28 -7.40
CA CYS A 63 10.38 0.94 -6.31
C CYS A 63 11.47 0.02 -5.81
N ASN A 64 12.57 0.59 -5.31
CA ASN A 64 13.77 -0.20 -5.03
C ASN A 64 13.76 -0.72 -3.61
N VAL A 65 12.61 -0.64 -2.94
CA VAL A 65 12.42 -1.24 -1.63
C VAL A 65 12.10 -2.69 -1.85
N SER A 66 13.04 -3.56 -1.49
CA SER A 66 12.94 -4.99 -1.64
C SER A 66 12.64 -5.58 -0.29
N ASP A 67 12.12 -6.79 -0.28
CA ASP A 67 11.87 -7.53 0.93
C ASP A 67 13.14 -8.35 1.21
N THR A 1 -9.36 -10.50 -9.03
CA THR A 1 -8.62 -9.43 -9.76
C THR A 1 -8.34 -8.26 -8.84
N ASP A 2 -7.58 -7.29 -9.35
CA ASP A 2 -7.18 -6.06 -8.69
C ASP A 2 -8.37 -5.19 -8.34
N GLU A 3 -9.36 -5.16 -9.23
CA GLU A 3 -10.59 -4.39 -9.12
C GLU A 3 -11.39 -4.77 -7.90
N GLN A 4 -11.51 -6.08 -7.65
CA GLN A 4 -12.19 -6.65 -6.51
C GLN A 4 -11.54 -6.31 -5.18
N ILE A 5 -10.21 -6.34 -5.13
CA ILE A 5 -9.41 -5.97 -3.97
C ILE A 5 -9.62 -4.51 -3.60
N TYR A 6 -9.62 -3.65 -4.63
CA TYR A 6 -9.88 -2.23 -4.50
C TYR A 6 -11.27 -1.94 -3.97
N ALA A 7 -12.27 -2.66 -4.49
CA ALA A 7 -13.66 -2.59 -4.06
C ALA A 7 -13.84 -2.99 -2.61
N PHE A 8 -13.14 -4.05 -2.19
CA PHE A 8 -13.14 -4.58 -0.84
C PHE A 8 -12.60 -3.58 0.16
N CYS A 9 -11.56 -2.85 -0.22
CA CYS A 9 -10.87 -1.94 0.68
C CYS A 9 -11.42 -0.53 0.58
N ASP A 10 -12.48 -0.35 -0.21
CA ASP A 10 -13.28 0.86 -0.19
C ASP A 10 -14.55 0.60 0.57
N ALA A 11 -14.78 -0.66 0.97
CA ALA A 11 -15.91 -1.03 1.80
C ALA A 11 -15.43 -1.27 3.21
N ASN A 12 -14.12 -1.47 3.38
CA ASN A 12 -13.50 -1.79 4.64
C ASN A 12 -12.25 -0.95 4.75
N LYS A 13 -12.41 0.37 4.77
CA LYS A 13 -11.30 1.30 4.72
C LYS A 13 -10.47 1.38 5.99
N ASP A 14 -11.07 1.01 7.12
CA ASP A 14 -10.46 1.19 8.42
C ASP A 14 -9.81 -0.08 8.91
N ASP A 15 -9.96 -1.17 8.14
CA ASP A 15 -9.22 -2.40 8.38
C ASP A 15 -7.75 -2.21 8.11
N ILE A 16 -6.90 -2.89 8.88
CA ILE A 16 -5.47 -2.73 8.86
C ILE A 16 -4.83 -3.37 7.63
N ARG A 17 -5.58 -4.25 6.95
CA ARG A 17 -5.13 -4.95 5.77
C ARG A 17 -5.58 -4.20 4.52
N CYS A 18 -6.23 -3.07 4.72
CA CYS A 18 -6.68 -2.17 3.67
C CYS A 18 -6.04 -0.81 3.88
N LYS A 19 -5.01 -0.75 4.71
CA LYS A 19 -4.26 0.48 4.94
C LYS A 19 -3.10 0.62 3.98
N CYS A 20 -2.95 -0.36 3.07
CA CYS A 20 -1.99 -0.27 2.00
C CYS A 20 -2.70 0.21 0.74
N ILE A 21 -4.01 0.47 0.85
CA ILE A 21 -4.83 0.98 -0.22
C ILE A 21 -5.14 2.41 0.14
N TYR A 22 -5.48 2.64 1.42
CA TYR A 22 -5.69 3.97 1.94
C TYR A 22 -4.76 4.13 3.14
N PRO A 23 -3.64 4.87 3.03
CA PRO A 23 -2.75 5.08 4.15
C PRO A 23 -3.20 6.33 4.87
N ASP A 24 -2.68 6.55 6.08
CA ASP A 24 -2.97 7.73 6.87
C ASP A 24 -2.22 8.93 6.31
N LYS A 25 -2.73 10.13 6.61
CA LYS A 25 -2.37 11.37 5.97
C LYS A 25 -0.91 11.76 6.06
N SER A 26 -0.32 11.61 7.24
CA SER A 26 1.09 11.90 7.51
C SER A 26 2.02 11.02 6.72
N ILE A 27 1.65 9.74 6.58
CA ILE A 27 2.40 8.69 5.91
C ILE A 27 2.62 9.02 4.46
N VAL A 28 1.60 9.58 3.80
CA VAL A 28 1.68 10.06 2.43
C VAL A 28 2.70 11.19 2.30
N ARG A 29 2.66 12.16 3.23
CA ARG A 29 3.56 13.28 3.24
C ARG A 29 5.02 12.92 3.46
N ILE A 30 5.28 11.97 4.36
CA ILE A 30 6.60 11.42 4.63
C ILE A 30 7.15 10.77 3.40
N GLY A 31 6.31 10.06 2.65
CA GLY A 31 6.65 9.41 1.40
C GLY A 31 7.06 10.39 0.33
N ILE A 32 6.34 11.50 0.22
CA ILE A 32 6.65 12.60 -0.68
C ILE A 32 7.98 13.25 -0.34
N ASP A 33 8.22 13.48 0.94
CA ASP A 33 9.38 14.22 1.44
C ASP A 33 10.65 13.40 1.37
N THR A 34 10.52 12.07 1.36
CA THR A 34 11.66 11.17 1.28
C THR A 34 11.84 10.70 -0.15
N ARG A 35 10.91 11.08 -1.02
CA ARG A 35 10.84 10.71 -2.42
C ARG A 35 10.84 9.22 -2.66
N LEU A 36 10.11 8.49 -1.83
CA LEU A 36 9.90 7.07 -1.96
C LEU A 36 8.45 6.86 -1.62
N PRO A 37 7.58 6.30 -2.49
CA PRO A 37 6.18 6.01 -2.20
C PRO A 37 5.95 5.23 -0.92
N TYR A 38 4.80 5.45 -0.28
CA TYR A 38 4.49 4.94 1.04
C TYR A 38 4.55 3.44 1.13
N TYR A 39 4.09 2.74 0.09
CA TYR A 39 3.94 1.30 0.09
C TYR A 39 5.24 0.54 0.03
N CYS A 40 6.33 1.23 -0.29
CA CYS A 40 7.66 0.65 -0.33
C CYS A 40 8.28 0.54 1.05
N TRP A 41 7.80 1.30 2.03
CA TRP A 41 8.40 1.32 3.37
C TRP A 41 7.43 1.19 4.52
N TYR A 42 6.12 1.27 4.26
CA TYR A 42 5.11 1.30 5.29
C TYR A 42 4.83 -0.12 5.72
N GLU A 43 4.83 -0.36 7.04
CA GLU A 43 4.79 -1.68 7.65
C GLU A 43 3.58 -2.54 7.31
N PRO A 44 2.31 -2.08 7.20
CA PRO A 44 1.20 -2.93 6.80
C PRO A 44 1.31 -3.42 5.37
N CYS A 45 2.01 -2.72 4.49
CA CYS A 45 2.20 -3.17 3.12
C CYS A 45 3.18 -4.31 3.03
N LYS A 46 4.10 -4.42 3.99
CA LYS A 46 5.09 -5.47 4.04
C LYS A 46 4.54 -6.78 4.57
N ARG A 47 3.46 -6.71 5.36
CA ARG A 47 2.82 -7.88 5.93
C ARG A 47 2.26 -8.82 4.89
N SER A 48 2.38 -10.12 5.14
CA SER A 48 1.93 -11.20 4.28
C SER A 48 0.44 -11.19 4.04
N ASP A 49 -0.33 -10.89 5.10
CA ASP A 49 -1.77 -11.03 5.14
C ASP A 49 -2.47 -9.88 4.46
N ALA A 50 -1.76 -8.78 4.25
CA ALA A 50 -2.27 -7.57 3.64
C ALA A 50 -2.68 -7.78 2.20
N LEU A 51 -3.71 -7.06 1.76
CA LEU A 51 -4.29 -7.21 0.46
C LEU A 51 -3.66 -6.19 -0.44
N LEU A 52 -2.84 -6.65 -1.39
CA LEU A 52 -2.18 -5.80 -2.35
C LEU A 52 -2.60 -6.29 -3.72
N PRO A 53 -3.22 -5.45 -4.58
CA PRO A 53 -3.35 -5.67 -6.01
C PRO A 53 -2.06 -6.04 -6.71
N ALA A 54 -2.15 -6.76 -7.82
CA ALA A 54 -1.04 -7.14 -8.66
C ALA A 54 -0.33 -5.93 -9.22
N SER A 55 -1.11 -4.94 -9.67
CA SER A 55 -0.62 -3.66 -10.16
C SER A 55 0.15 -2.87 -9.12
N LEU A 56 -0.34 -2.87 -7.88
CA LEU A 56 0.27 -2.21 -6.75
C LEU A 56 1.63 -2.76 -6.40
N LYS A 57 1.78 -4.08 -6.50
CA LYS A 57 2.97 -4.77 -6.05
C LYS A 57 3.97 -4.85 -7.18
N LYS A 58 3.56 -4.47 -8.38
CA LYS A 58 4.43 -4.27 -9.51
C LYS A 58 5.04 -2.88 -9.42
N ASN A 59 4.36 -1.97 -8.71
CA ASN A 59 4.87 -0.62 -8.48
C ASN A 59 5.85 -0.59 -7.32
N ILE A 60 5.72 -1.55 -6.39
CA ILE A 60 6.69 -1.82 -5.34
C ILE A 60 7.99 -2.31 -5.93
N THR A 61 7.91 -3.17 -6.95
CA THR A 61 9.05 -3.66 -7.70
C THR A 61 9.76 -2.51 -8.42
N LYS A 62 8.97 -1.57 -8.96
CA LYS A 62 9.45 -0.45 -9.73
C LYS A 62 10.06 0.69 -8.91
N CYS A 63 9.84 0.70 -7.58
CA CYS A 63 10.45 1.71 -6.73
C CYS A 63 11.78 1.21 -6.20
N ASN A 64 12.20 0.03 -6.67
CA ASN A 64 13.50 -0.56 -6.50
C ASN A 64 13.75 -1.06 -5.08
N VAL A 65 12.70 -1.17 -4.28
CA VAL A 65 12.77 -1.70 -2.93
C VAL A 65 12.40 -3.16 -3.04
N SER A 66 13.36 -4.03 -2.72
CA SER A 66 13.29 -5.46 -2.95
C SER A 66 12.24 -6.22 -2.16
N ASP A 67 12.12 -5.94 -0.86
CA ASP A 67 11.27 -6.70 0.02
C ASP A 67 10.79 -5.69 1.08
N THR A 1 -8.35 -10.64 -9.24
CA THR A 1 -8.48 -9.37 -10.02
C THR A 1 -8.37 -8.23 -9.03
N ASP A 2 -7.76 -7.12 -9.46
CA ASP A 2 -7.45 -5.98 -8.62
C ASP A 2 -8.68 -5.19 -8.26
N GLU A 3 -9.73 -5.27 -9.08
CA GLU A 3 -11.01 -4.64 -8.89
C GLU A 3 -11.71 -5.11 -7.64
N GLN A 4 -11.66 -6.42 -7.38
CA GLN A 4 -12.22 -7.07 -6.21
C GLN A 4 -11.58 -6.60 -4.93
N ILE A 5 -10.25 -6.47 -4.95
CA ILE A 5 -9.44 -5.99 -3.83
C ILE A 5 -9.77 -4.54 -3.50
N TYR A 6 -9.91 -3.72 -4.54
CA TYR A 6 -10.25 -2.32 -4.43
C TYR A 6 -11.62 -2.10 -3.82
N ALA A 7 -12.61 -2.89 -4.26
CA ALA A 7 -13.96 -2.88 -3.75
C ALA A 7 -14.05 -3.26 -2.29
N PHE A 8 -13.29 -4.29 -1.89
CA PHE A 8 -13.21 -4.76 -0.53
C PHE A 8 -12.65 -3.72 0.42
N CYS A 9 -11.63 -2.98 -0.02
CA CYS A 9 -10.92 -2.06 0.83
C CYS A 9 -11.51 -0.68 0.79
N ASP A 10 -12.54 -0.48 -0.03
CA ASP A 10 -13.33 0.73 -0.04
C ASP A 10 -14.61 0.47 0.73
N ALA A 11 -14.80 -0.77 1.18
CA ALA A 11 -15.96 -1.20 1.95
C ALA A 11 -15.54 -1.39 3.38
N ASN A 12 -14.36 -1.97 3.59
CA ASN A 12 -13.76 -2.15 4.88
C ASN A 12 -12.51 -1.31 4.76
N LYS A 13 -12.50 -0.15 5.40
CA LYS A 13 -11.60 0.92 5.02
C LYS A 13 -10.82 1.40 6.22
N ASP A 14 -11.14 0.85 7.40
CA ASP A 14 -10.40 1.11 8.63
C ASP A 14 -9.58 -0.09 9.00
N ASP A 15 -9.68 -1.18 8.22
CA ASP A 15 -8.89 -2.38 8.31
C ASP A 15 -7.44 -2.05 8.03
N ILE A 16 -6.53 -2.67 8.81
CA ILE A 16 -5.09 -2.54 8.74
C ILE A 16 -4.58 -3.01 7.40
N ARG A 17 -5.17 -4.09 6.86
CA ARG A 17 -4.78 -4.68 5.60
C ARG A 17 -5.13 -3.82 4.41
N CYS A 18 -6.07 -2.88 4.60
CA CYS A 18 -6.56 -1.99 3.58
C CYS A 18 -5.98 -0.59 3.75
N LYS A 19 -4.90 -0.46 4.52
CA LYS A 19 -4.17 0.79 4.65
C LYS A 19 -3.09 0.88 3.61
N CYS A 20 -3.04 -0.09 2.69
CA CYS A 20 -2.14 -0.08 1.57
C CYS A 20 -2.87 0.39 0.34
N ILE A 21 -4.16 0.69 0.50
CA ILE A 21 -5.01 1.23 -0.53
C ILE A 21 -5.34 2.63 -0.06
N TYR A 22 -5.54 2.80 1.26
CA TYR A 22 -5.94 4.04 1.87
C TYR A 22 -5.05 4.34 3.06
N PRO A 23 -3.76 4.66 2.88
CA PRO A 23 -2.87 5.13 3.94
C PRO A 23 -3.35 6.41 4.62
N ASP A 24 -2.82 6.69 5.80
CA ASP A 24 -3.07 7.89 6.55
C ASP A 24 -2.29 9.05 5.96
N LYS A 25 -2.77 10.27 6.20
CA LYS A 25 -2.35 11.51 5.57
C LYS A 25 -0.88 11.86 5.75
N SER A 26 -0.35 11.67 6.96
CA SER A 26 1.01 12.03 7.30
C SER A 26 2.01 11.07 6.72
N ILE A 27 1.58 9.86 6.39
CA ILE A 27 2.43 8.80 5.89
C ILE A 27 2.67 8.99 4.42
N VAL A 28 1.66 9.52 3.71
CA VAL A 28 1.77 9.98 2.33
C VAL A 28 2.75 11.12 2.21
N ARG A 29 2.66 12.07 3.15
CA ARG A 29 3.53 13.23 3.22
C ARG A 29 4.99 12.86 3.40
N ILE A 30 5.27 11.91 4.30
CA ILE A 30 6.59 11.37 4.57
C ILE A 30 7.18 10.74 3.34
N GLY A 31 6.36 10.02 2.57
CA GLY A 31 6.77 9.42 1.31
C GLY A 31 7.18 10.43 0.28
N ILE A 32 6.42 11.52 0.14
CA ILE A 32 6.72 12.64 -0.74
C ILE A 32 7.99 13.34 -0.33
N ASP A 33 8.18 13.56 0.97
CA ASP A 33 9.34 14.23 1.55
C ASP A 33 10.64 13.48 1.33
N THR A 34 10.61 12.15 1.48
CA THR A 34 11.81 11.32 1.49
C THR A 34 12.05 10.74 0.12
N ARG A 35 11.20 11.09 -0.85
CA ARG A 35 11.20 10.64 -2.23
C ARG A 35 11.10 9.14 -2.39
N LEU A 36 10.28 8.50 -1.57
CA LEU A 36 10.09 7.06 -1.57
C LEU A 36 8.61 6.83 -1.44
N PRO A 37 7.89 6.15 -2.37
CA PRO A 37 6.48 5.79 -2.22
C PRO A 37 6.16 5.11 -0.91
N TYR A 38 4.98 5.37 -0.33
CA TYR A 38 4.63 4.95 1.01
C TYR A 38 4.66 3.46 1.20
N TYR A 39 4.18 2.71 0.22
CA TYR A 39 3.99 1.27 0.30
C TYR A 39 5.27 0.48 0.29
N CYS A 40 6.37 1.12 -0.11
CA CYS A 40 7.68 0.52 -0.18
C CYS A 40 8.34 0.41 1.18
N TRP A 41 7.80 1.11 2.20
CA TRP A 41 8.35 1.06 3.54
C TRP A 41 7.32 0.90 4.64
N TYR A 42 6.07 1.28 4.37
CA TYR A 42 4.98 1.30 5.33
C TYR A 42 4.65 -0.10 5.83
N GLU A 43 4.51 -0.24 7.14
CA GLU A 43 4.40 -1.50 7.87
C GLU A 43 3.24 -2.41 7.48
N PRO A 44 1.99 -2.00 7.26
CA PRO A 44 0.92 -2.91 6.90
C PRO A 44 1.07 -3.47 5.51
N CYS A 45 2.00 -2.94 4.71
CA CYS A 45 2.19 -3.30 3.32
C CYS A 45 3.41 -4.16 3.18
N LYS A 46 4.01 -4.54 4.30
CA LYS A 46 5.11 -5.46 4.39
C LYS A 46 4.67 -6.72 5.08
N ARG A 47 3.37 -6.86 5.32
CA ARG A 47 2.78 -8.03 5.94
C ARG A 47 2.33 -9.00 4.87
N SER A 48 2.34 -10.29 5.21
CA SER A 48 1.92 -11.39 4.37
C SER A 48 0.47 -11.32 3.97
N ASP A 49 -0.38 -10.89 4.91
CA ASP A 49 -1.83 -10.98 4.79
C ASP A 49 -2.38 -9.68 4.27
N ALA A 50 -1.51 -8.75 3.91
CA ALA A 50 -1.84 -7.48 3.30
C ALA A 50 -2.50 -7.67 1.95
N LEU A 51 -3.43 -6.78 1.62
CA LEU A 51 -4.21 -6.87 0.42
C LEU A 51 -3.60 -5.89 -0.54
N LEU A 52 -2.86 -6.40 -1.53
CA LEU A 52 -2.08 -5.61 -2.44
C LEU A 52 -2.48 -6.01 -3.84
N PRO A 53 -3.09 -5.13 -4.66
CA PRO A 53 -3.27 -5.30 -6.10
C PRO A 53 -2.03 -5.69 -6.87
N ALA A 54 -2.21 -6.35 -8.01
CA ALA A 54 -1.14 -6.73 -8.92
C ALA A 54 -0.40 -5.55 -9.48
N SER A 55 -1.12 -4.48 -9.81
CA SER A 55 -0.55 -3.21 -10.25
C SER A 55 0.34 -2.60 -9.19
N LEU A 56 -0.12 -2.61 -7.93
CA LEU A 56 0.61 -2.12 -6.78
C LEU A 56 1.86 -2.93 -6.51
N LYS A 57 1.78 -4.26 -6.69
CA LYS A 57 2.89 -5.17 -6.56
C LYS A 57 3.96 -5.01 -7.62
N LYS A 58 3.56 -4.52 -8.80
CA LYS A 58 4.50 -4.21 -9.86
C LYS A 58 5.13 -2.86 -9.66
N ASN A 59 4.50 -2.00 -8.87
CA ASN A 59 4.97 -0.63 -8.66
C ASN A 59 5.77 -0.52 -7.38
N ILE A 60 5.85 -1.60 -6.60
CA ILE A 60 6.75 -1.71 -5.46
C ILE A 60 7.99 -2.44 -5.92
N THR A 61 7.95 -3.00 -7.13
CA THR A 61 9.09 -3.60 -7.78
C THR A 61 9.77 -2.52 -8.62
N LYS A 62 9.03 -1.46 -8.93
CA LYS A 62 9.55 -0.35 -9.70
C LYS A 62 10.01 0.79 -8.81
N CYS A 63 9.85 0.66 -7.49
CA CYS A 63 10.46 1.59 -6.56
C CYS A 63 11.76 1.03 -6.06
N ASN A 64 12.09 -0.20 -6.49
CA ASN A 64 13.31 -0.93 -6.24
C ASN A 64 13.61 -1.08 -4.76
N VAL A 65 12.63 -1.57 -4.00
CA VAL A 65 12.79 -1.90 -2.60
C VAL A 65 12.53 -3.37 -2.54
N SER A 66 13.55 -4.14 -2.18
CA SER A 66 13.58 -5.58 -2.36
C SER A 66 13.29 -6.36 -1.10
N ASP A 67 13.07 -5.67 0.01
CA ASP A 67 12.73 -6.29 1.27
C ASP A 67 11.52 -5.48 1.77
N THR A 1 -8.80 -10.80 -8.59
CA THR A 1 -8.27 -9.67 -9.40
C THR A 1 -8.18 -8.40 -8.58
N ASP A 2 -7.49 -7.39 -9.12
CA ASP A 2 -7.23 -6.11 -8.50
C ASP A 2 -8.50 -5.32 -8.23
N GLU A 3 -9.49 -5.45 -9.11
CA GLU A 3 -10.79 -4.82 -9.02
C GLU A 3 -11.54 -5.19 -7.76
N GLN A 4 -11.52 -6.48 -7.41
CA GLN A 4 -12.11 -7.03 -6.21
C GLN A 4 -11.47 -6.50 -4.95
N ILE A 5 -10.14 -6.37 -4.96
CA ILE A 5 -9.36 -5.84 -3.85
C ILE A 5 -9.72 -4.39 -3.58
N TYR A 6 -9.84 -3.58 -4.64
CA TYR A 6 -10.21 -2.19 -4.55
C TYR A 6 -11.59 -2.00 -3.97
N ALA A 7 -12.56 -2.79 -4.44
CA ALA A 7 -13.93 -2.79 -3.98
C ALA A 7 -14.05 -3.16 -2.52
N PHE A 8 -13.30 -4.18 -2.09
CA PHE A 8 -13.22 -4.62 -0.71
C PHE A 8 -12.65 -3.55 0.19
N CYS A 9 -11.58 -2.87 -0.26
CA CYS A 9 -10.93 -1.80 0.45
C CYS A 9 -11.81 -0.59 0.65
N ASP A 10 -12.63 -0.26 -0.34
CA ASP A 10 -13.62 0.80 -0.25
C ASP A 10 -14.65 0.53 0.83
N ALA A 11 -15.10 -0.73 0.92
CA ALA A 11 -16.14 -1.16 1.83
C ALA A 11 -15.65 -1.35 3.25
N ASN A 12 -14.35 -1.60 3.43
CA ASN A 12 -13.76 -1.93 4.71
C ASN A 12 -12.54 -1.08 4.89
N LYS A 13 -12.69 0.24 4.74
CA LYS A 13 -11.61 1.20 4.65
C LYS A 13 -10.65 1.28 5.82
N ASP A 14 -11.17 1.18 7.04
CA ASP A 14 -10.40 1.46 8.23
C ASP A 14 -9.77 0.21 8.82
N ASP A 15 -9.94 -0.93 8.15
CA ASP A 15 -9.21 -2.14 8.45
C ASP A 15 -7.75 -1.98 8.15
N ILE A 16 -6.90 -2.71 8.87
CA ILE A 16 -5.45 -2.73 8.75
C ILE A 16 -5.03 -3.42 7.47
N ARG A 17 -5.97 -4.17 6.88
CA ARG A 17 -5.76 -4.96 5.69
C ARG A 17 -5.98 -4.13 4.45
N CYS A 18 -6.48 -2.90 4.62
CA CYS A 18 -6.93 -2.05 3.55
C CYS A 18 -6.17 -0.75 3.57
N LYS A 19 -5.01 -0.73 4.24
CA LYS A 19 -4.20 0.46 4.41
C LYS A 19 -3.14 0.59 3.35
N CYS A 20 -3.17 -0.27 2.34
CA CYS A 20 -2.26 -0.18 1.21
C CYS A 20 -2.96 0.48 0.04
N ILE A 21 -4.21 0.91 0.27
CA ILE A 21 -5.00 1.68 -0.68
C ILE A 21 -5.50 2.89 0.07
N TYR A 22 -5.67 2.78 1.39
CA TYR A 22 -6.09 3.89 2.23
C TYR A 22 -5.15 4.04 3.41
N PRO A 23 -3.87 4.40 3.23
CA PRO A 23 -2.96 4.74 4.31
C PRO A 23 -3.43 5.87 5.20
N ASP A 24 -2.91 5.93 6.42
CA ASP A 24 -3.23 6.95 7.38
C ASP A 24 -2.51 8.24 7.05
N LYS A 25 -2.97 9.34 7.64
CA LYS A 25 -2.45 10.68 7.45
C LYS A 25 -0.99 10.81 7.82
N SER A 26 -0.27 11.65 7.08
CA SER A 26 1.15 11.92 7.16
C SER A 26 2.06 10.85 6.59
N ILE A 27 1.59 9.61 6.48
CA ILE A 27 2.33 8.50 5.90
C ILE A 27 2.64 8.76 4.44
N VAL A 28 1.65 9.26 3.69
CA VAL A 28 1.79 9.68 2.31
C VAL A 28 2.76 10.83 2.18
N ARG A 29 2.68 11.80 3.09
CA ARG A 29 3.50 13.00 3.10
C ARG A 29 4.96 12.66 3.32
N ILE A 30 5.24 11.72 4.23
CA ILE A 30 6.56 11.17 4.51
C ILE A 30 7.12 10.51 3.27
N GLY A 31 6.28 9.79 2.53
CA GLY A 31 6.66 9.13 1.29
C GLY A 31 7.08 10.10 0.21
N ILE A 32 6.36 11.22 0.08
CA ILE A 32 6.68 12.31 -0.83
C ILE A 32 7.99 12.97 -0.46
N ASP A 33 8.20 13.24 0.83
CA ASP A 33 9.41 13.86 1.37
C ASP A 33 10.66 13.01 1.17
N THR A 34 10.53 11.69 1.36
CA THR A 34 11.66 10.78 1.37
C THR A 34 11.84 10.15 0.01
N ARG A 35 11.01 10.58 -0.95
CA ARG A 35 11.09 10.29 -2.37
C ARG A 35 10.76 8.86 -2.76
N LEU A 36 10.21 8.08 -1.83
CA LEU A 36 9.92 6.68 -2.02
C LEU A 36 8.46 6.48 -1.69
N PRO A 37 7.60 5.94 -2.58
CA PRO A 37 6.18 5.65 -2.32
C PRO A 37 5.91 4.89 -1.04
N TYR A 38 4.77 5.15 -0.40
CA TYR A 38 4.47 4.70 0.94
C TYR A 38 4.50 3.19 1.10
N TYR A 39 3.95 2.45 0.15
CA TYR A 39 3.78 1.02 0.25
C TYR A 39 5.06 0.22 0.11
N CYS A 40 6.14 0.87 -0.33
CA CYS A 40 7.44 0.26 -0.45
C CYS A 40 8.14 0.12 0.90
N TRP A 41 7.70 0.87 1.91
CA TRP A 41 8.34 0.85 3.22
C TRP A 41 7.36 0.70 4.37
N TYR A 42 6.08 1.02 4.15
CA TYR A 42 5.04 1.02 5.16
C TYR A 42 4.78 -0.40 5.65
N GLU A 43 4.70 -0.55 6.98
CA GLU A 43 4.71 -1.80 7.69
C GLU A 43 3.59 -2.79 7.35
N PRO A 44 2.30 -2.47 7.17
CA PRO A 44 1.28 -3.46 6.84
C PRO A 44 1.44 -3.98 5.44
N CYS A 45 2.03 -3.18 4.55
CA CYS A 45 2.14 -3.47 3.14
C CYS A 45 3.44 -4.20 2.85
N LYS A 46 4.21 -4.47 3.91
CA LYS A 46 5.42 -5.25 3.88
C LYS A 46 5.17 -6.60 4.50
N ARG A 47 4.16 -6.70 5.39
CA ARG A 47 3.86 -7.91 6.11
C ARG A 47 3.10 -8.95 5.33
N SER A 48 2.41 -8.53 4.27
CA SER A 48 1.50 -9.35 3.47
C SER A 48 0.24 -9.72 4.21
N ASP A 49 -0.05 -9.00 5.30
CA ASP A 49 -1.26 -9.16 6.09
C ASP A 49 -2.28 -8.16 5.59
N ALA A 50 -1.88 -7.32 4.63
CA ALA A 50 -2.72 -6.33 4.01
C ALA A 50 -2.75 -6.63 2.55
N LEU A 51 -3.93 -6.53 1.95
CA LEU A 51 -4.19 -6.80 0.55
C LEU A 51 -3.44 -5.85 -0.32
N LEU A 52 -2.81 -6.38 -1.37
CA LEU A 52 -1.96 -5.62 -2.24
C LEU A 52 -2.35 -6.01 -3.64
N PRO A 53 -2.92 -5.11 -4.48
CA PRO A 53 -3.09 -5.30 -5.91
C PRO A 53 -1.82 -5.71 -6.63
N ALA A 54 -1.96 -6.48 -7.71
CA ALA A 54 -0.89 -6.89 -8.58
C ALA A 54 -0.20 -5.70 -9.20
N SER A 55 -0.99 -4.70 -9.59
CA SER A 55 -0.56 -3.42 -10.10
C SER A 55 0.32 -2.66 -9.12
N LEU A 56 -0.03 -2.68 -7.84
CA LEU A 56 0.72 -1.98 -6.82
C LEU A 56 1.95 -2.72 -6.36
N LYS A 57 2.04 -4.03 -6.63
CA LYS A 57 3.25 -4.78 -6.34
C LYS A 57 4.20 -4.70 -7.51
N LYS A 58 3.71 -4.20 -8.65
CA LYS A 58 4.52 -3.90 -9.81
C LYS A 58 4.96 -2.47 -9.78
N ASN A 59 4.51 -1.72 -8.77
CA ASN A 59 5.01 -0.38 -8.49
C ASN A 59 5.95 -0.46 -7.30
N ILE A 60 6.01 -1.62 -6.63
CA ILE A 60 6.96 -1.89 -5.57
C ILE A 60 8.18 -2.52 -6.20
N THR A 61 7.97 -3.26 -7.30
CA THR A 61 9.02 -3.78 -8.16
C THR A 61 9.80 -2.63 -8.77
N LYS A 62 9.08 -1.58 -9.17
CA LYS A 62 9.63 -0.46 -9.90
C LYS A 62 10.00 0.71 -9.03
N CYS A 63 9.90 0.56 -7.70
CA CYS A 63 10.48 1.52 -6.77
C CYS A 63 11.82 1.00 -6.29
N ASN A 64 12.25 -0.14 -6.84
CA ASN A 64 13.49 -0.84 -6.57
C ASN A 64 13.61 -1.23 -5.11
N VAL A 65 12.56 -1.83 -4.56
CA VAL A 65 12.56 -2.34 -3.20
C VAL A 65 12.18 -3.79 -3.31
N SER A 66 13.12 -4.66 -2.94
CA SER A 66 12.91 -6.08 -2.82
C SER A 66 11.97 -6.44 -1.70
N ASP A 67 11.21 -7.52 -1.87
CA ASP A 67 10.30 -8.04 -0.89
C ASP A 67 11.04 -9.21 -0.21
#